data_4Y9J
#
_entry.id   4Y9J
#
_cell.length_a   138.561
_cell.length_b   116.676
_cell.length_c   115.289
_cell.angle_alpha   90.000
_cell.angle_beta   124.020
_cell.angle_gamma   90.000
#
_symmetry.space_group_name_H-M   'C 1 2 1'
#
loop_
_entity.id
_entity.type
_entity.pdbx_description
1 polymer 'Protein ACDH-11, isoform b'
2 non-polymer 'FLAVIN-ADENINE DINUCLEOTIDE'
3 non-polymer 'S-{(3S,5R,9R)-1-[(2R,3S,4R,5R)-5-(6-amino-9H-purin-9-yl)-4-hydroxy-3-(phosphonooxy)tetrahydrofuran-2-yl]-3,5,9-trihydroxy-8,8-dimethyl-3,5-dioxido-10,14-dioxo-2,4,6-trioxa-11,15-diaza-3lambda~5~,5lambda~5~-diphosphaheptadecan-17-yl} undecanethioate'
4 water water
#
_entity_poly.entity_id   1
_entity_poly.type   'polypeptide(L)'
_entity_poly.pdbx_seq_one_letter_code
;TITARHTQYSHAKTGGFSQTGPTLHNPYKDDPILDRTLRRLLPESEYMRVAADLSKFGDRITSEVEHLGRQAELEQPRLE
HQDAWGKRVDKLIVCNEWHKLKQICAEEGVISIGYEDSVDPFVRRIHQVAKLFLFSPSAGLVSCPMAMTDGAVKTLTSLN
LYGKHKLATEAVDRLRSRDPSKAWTSGQWMTEKKGGSDVAGGCDTYAVQIDKDTYRLHGYKWFSSAVDADVALTLARIVD
SDGNALEGSRGLSLFLLKIRDESGNLNGIQMVRLKNKLGTKQLPTAELLLDGAIAERIGDQGRGVAGISNMLNITRIHNA
VASLGYMRRIISLARDYSTKRVVFGQTQSKWPLHTTTLAKMEVDTRGSMLLLFEAARLLGLSEAGKSSDVEAMMLRLITP
VLKLYAGKQAVPMVSEGIECFGGQGYMEDTGLPTLLRDAQVTPIWEGTTNVLSLDVLRVFSGKENILLAFGKRVEQLLGN
TKTEDEKLKKSKEAVESALKQLQKLLVKASDSAIQGETRIDSVARHIAFTIARIYSGALLIDHASDSSVANQSDIEVAYR
YCCEQPLIDLRWEWFASERVKADREIVFDNFTA
;
_entity_poly.pdbx_strand_id   A,B
#
loop_
_chem_comp.id
_chem_comp.type
_chem_comp.name
_chem_comp.formula
FAD non-polymer 'FLAVIN-ADENINE DINUCLEOTIDE' 'C27 H33 N9 O15 P2'
UCC non-polymer 'S-{(3S,5R,9R)-1-[(2R,3S,4R,5R)-5-(6-amino-9H-purin-9-yl)-4-hydroxy-3-(phosphonooxy)tetrahydrofuran-2-yl]-3,5,9-trihydroxy-8,8-dimethyl-3,5-dioxido-10,14-dioxo-2,4,6-trioxa-11,15-diaza-3lambda~5~,5lambda~5~-diphosphaheptadecan-17-yl} undecanethioate' 'C32 H56 N7 O17 P3 S'
#
# COMPACT_ATOMS: atom_id res chain seq x y z
N THR A 1 -61.91 -15.58 -21.27
CA THR A 1 -61.27 -15.11 -20.05
C THR A 1 -60.24 -16.17 -19.62
N ILE A 2 -59.13 -15.71 -19.09
CA ILE A 2 -57.99 -16.55 -18.79
C ILE A 2 -57.64 -16.35 -17.32
N THR A 3 -56.87 -17.26 -16.76
CA THR A 3 -56.28 -17.02 -15.46
C THR A 3 -55.35 -15.83 -15.54
N ALA A 4 -55.36 -14.97 -14.53
CA ALA A 4 -54.49 -13.84 -14.57
C ALA A 4 -53.10 -14.28 -14.23
N ARG A 5 -52.10 -13.55 -14.71
CA ARG A 5 -50.72 -13.99 -14.57
C ARG A 5 -49.85 -13.04 -13.74
N HIS A 6 -50.47 -12.29 -12.84
CA HIS A 6 -49.71 -11.36 -11.98
C HIS A 6 -48.63 -12.07 -11.15
N THR A 7 -48.83 -13.35 -10.80
CA THR A 7 -47.83 -14.09 -10.00
C THR A 7 -46.59 -14.44 -10.83
N GLN A 8 -46.68 -14.28 -12.16
CA GLN A 8 -45.52 -14.51 -13.03
C GLN A 8 -44.60 -13.31 -13.24
N TYR A 9 -44.82 -12.21 -12.50
CA TYR A 9 -44.01 -11.04 -12.56
C TYR A 9 -43.64 -10.64 -11.15
N SER A 10 -42.39 -10.85 -10.80
CA SER A 10 -41.96 -10.80 -9.45
C SER A 10 -40.51 -10.44 -9.41
N HIS A 11 -40.16 -9.42 -8.62
CA HIS A 11 -38.81 -9.10 -8.42
C HIS A 11 -38.07 -10.23 -7.72
N ALA A 12 -36.79 -10.34 -7.98
CA ALA A 12 -35.95 -11.31 -7.26
C ALA A 12 -35.97 -11.08 -5.77
N LYS A 13 -35.90 -12.15 -5.02
CA LYS A 13 -35.68 -12.02 -3.59
C LYS A 13 -34.21 -12.46 -3.26
N THR A 14 -33.54 -11.68 -2.41
CA THR A 14 -32.14 -11.84 -2.16
C THR A 14 -31.80 -11.84 -0.66
N GLY A 15 -32.75 -12.26 0.13
CA GLY A 15 -32.58 -12.47 1.56
C GLY A 15 -32.95 -11.35 2.51
N GLY A 16 -33.00 -10.14 2.00
CA GLY A 16 -33.36 -8.98 2.75
C GLY A 16 -32.27 -8.33 3.62
N PHE A 17 -31.03 -8.82 3.62
CA PHE A 17 -29.98 -8.20 4.47
C PHE A 17 -29.11 -7.45 3.53
N SER A 18 -28.75 -6.21 3.88
CA SER A 18 -27.59 -5.58 3.28
C SER A 18 -26.89 -4.75 4.34
N GLN A 19 -25.56 -4.77 4.33
CA GLN A 19 -24.75 -4.09 5.33
C GLN A 19 -24.73 -2.59 5.14
N THR A 20 -24.97 -1.85 6.22
CA THR A 20 -24.74 -0.36 6.20
C THR A 20 -23.24 -0.02 6.17
N GLY A 21 -22.86 0.78 5.18
CA GLY A 21 -21.53 1.25 5.04
C GLY A 21 -21.13 2.39 5.95
N PRO A 22 -19.85 2.77 5.93
CA PRO A 22 -19.38 3.83 6.84
C PRO A 22 -20.03 5.20 6.54
N THR A 23 -20.18 5.99 7.58
CA THR A 23 -20.67 7.36 7.47
C THR A 23 -19.48 8.31 7.58
N LEU A 24 -19.44 9.32 6.71
CA LEU A 24 -18.46 10.45 6.85
C LEU A 24 -19.07 11.54 7.75
N HIS A 25 -18.47 11.74 8.89
CA HIS A 25 -18.91 12.76 9.84
C HIS A 25 -18.15 14.05 9.56
N ASN A 26 -18.73 15.19 9.95
CA ASN A 26 -18.09 16.49 9.80
C ASN A 26 -16.61 16.32 10.24
N PRO A 27 -15.66 16.50 9.33
CA PRO A 27 -14.27 16.15 9.64
C PRO A 27 -13.58 17.14 10.60
N TYR A 28 -14.14 18.31 10.81
CA TYR A 28 -13.63 19.16 11.92
C TYR A 28 -14.06 18.64 13.30
N LYS A 29 -15.36 18.46 13.47
CA LYS A 29 -15.93 18.06 14.75
C LYS A 29 -15.52 16.65 15.18
N ASP A 30 -15.36 15.78 14.19
CA ASP A 30 -15.13 14.37 14.41
C ASP A 30 -13.65 14.15 14.68
N ASP A 31 -12.79 15.08 14.29
CA ASP A 31 -11.35 14.78 14.36
C ASP A 31 -10.94 14.65 15.82
N PRO A 32 -10.18 13.60 16.17
CA PRO A 32 -9.72 13.40 17.55
C PRO A 32 -8.91 14.58 18.13
N ILE A 33 -8.04 15.24 17.37
CA ILE A 33 -7.08 16.16 17.97
C ILE A 33 -7.04 17.55 17.29
N LEU A 34 -7.66 17.71 16.12
CA LEU A 34 -7.57 19.03 15.44
C LEU A 34 -8.05 20.21 16.23
N ASP A 35 -9.24 20.12 16.79
CA ASP A 35 -9.79 21.25 17.50
C ASP A 35 -8.95 21.57 18.77
N ARG A 36 -8.53 20.54 19.51
CA ARG A 36 -7.66 20.79 20.71
C ARG A 36 -6.34 21.42 20.29
N THR A 37 -5.78 20.99 19.14
CA THR A 37 -4.50 21.53 18.69
C THR A 37 -4.60 23.01 18.37
N LEU A 38 -5.66 23.38 17.65
CA LEU A 38 -5.91 24.76 17.30
C LEU A 38 -6.13 25.62 18.54
N ARG A 39 -6.80 25.05 19.52
CA ARG A 39 -7.03 25.76 20.78
C ARG A 39 -5.71 26.13 21.45
N ARG A 40 -4.73 25.24 21.38
CA ARG A 40 -3.43 25.50 22.01
C ARG A 40 -2.63 26.44 21.23
N LEU A 41 -2.69 26.36 19.93
CA LEU A 41 -1.84 27.17 19.08
C LEU A 41 -2.30 28.58 18.84
N LEU A 42 -3.60 28.81 18.83
CA LEU A 42 -4.07 30.13 18.50
C LEU A 42 -4.61 30.89 19.71
N PRO A 43 -4.46 32.20 19.67
CA PRO A 43 -5.17 33.06 20.65
C PRO A 43 -6.68 32.78 20.65
N GLU A 44 -7.30 32.89 21.80
CA GLU A 44 -8.69 32.46 21.90
C GLU A 44 -9.60 33.10 20.87
N SER A 45 -9.45 34.38 20.64
CA SER A 45 -10.35 35.11 19.71
C SER A 45 -10.13 34.65 18.26
N GLU A 46 -8.90 34.28 17.93
CA GLU A 46 -8.64 33.79 16.57
C GLU A 46 -9.14 32.41 16.49
N TYR A 47 -8.88 31.62 17.55
CA TYR A 47 -9.37 30.30 17.56
C TYR A 47 -10.87 30.24 17.29
N MET A 48 -11.65 31.09 17.92
CA MET A 48 -13.09 31.08 17.76
C MET A 48 -13.47 31.33 16.32
N ARG A 49 -12.78 32.28 15.69
CA ARG A 49 -13.04 32.59 14.28
C ARG A 49 -12.69 31.43 13.34
N VAL A 50 -11.51 30.85 13.54
CA VAL A 50 -10.98 29.77 12.75
C VAL A 50 -11.82 28.54 12.90
N ALA A 51 -12.17 28.18 14.13
CA ALA A 51 -12.96 27.00 14.38
C ALA A 51 -14.35 27.14 13.77
N ALA A 52 -14.93 28.34 13.79
CA ALA A 52 -16.25 28.49 13.22
C ALA A 52 -16.16 28.30 11.67
N ASP A 53 -15.12 28.85 11.06
CA ASP A 53 -14.94 28.66 9.56
C ASP A 53 -14.77 27.20 9.24
N LEU A 54 -13.91 26.52 9.99
CA LEU A 54 -13.62 25.15 9.79
C LEU A 54 -14.79 24.17 10.02
N SER A 55 -15.56 24.41 11.04
CA SER A 55 -16.69 23.63 11.33
C SER A 55 -17.77 23.72 10.24
N LYS A 56 -18.03 24.94 9.77
CA LYS A 56 -18.92 25.21 8.68
C LYS A 56 -18.42 24.53 7.38
N PHE A 57 -17.12 24.63 7.09
CA PHE A 57 -16.54 23.95 5.96
C PHE A 57 -16.72 22.43 6.08
N GLY A 58 -16.55 21.91 7.30
CA GLY A 58 -16.77 20.49 7.54
C GLY A 58 -18.17 20.03 7.14
N ASP A 59 -19.16 20.88 7.31
CA ASP A 59 -20.50 20.50 6.86
C ASP A 59 -20.61 20.60 5.32
N ARG A 60 -19.91 21.56 4.72
CA ARG A 60 -19.79 21.65 3.24
C ARG A 60 -19.13 20.41 2.66
N ILE A 61 -18.12 19.87 3.35
CA ILE A 61 -17.46 18.63 2.95
C ILE A 61 -18.44 17.48 2.90
N THR A 62 -19.20 17.28 3.97
CA THR A 62 -20.11 16.16 3.99
C THR A 62 -21.30 16.33 3.02
N SER A 63 -21.78 17.54 2.88
CA SER A 63 -23.00 17.80 2.14
C SER A 63 -22.73 17.96 0.63
N GLU A 64 -21.51 18.34 0.25
CA GLU A 64 -21.21 18.79 -1.12
C GLU A 64 -19.85 18.29 -1.64
N VAL A 65 -18.78 18.60 -0.93
CA VAL A 65 -17.46 18.41 -1.54
C VAL A 65 -17.15 16.93 -1.76
N GLU A 66 -17.48 16.09 -0.77
CA GLU A 66 -17.16 14.67 -0.88
C GLU A 66 -17.75 14.07 -2.19
N HIS A 67 -18.99 14.43 -2.51
CA HIS A 67 -19.68 13.91 -3.66
C HIS A 67 -19.01 14.43 -4.94
N LEU A 68 -18.64 15.71 -4.97
CA LEU A 68 -17.93 16.27 -6.07
C LEU A 68 -16.59 15.57 -6.33
N GLY A 69 -15.82 15.34 -5.26
CA GLY A 69 -14.55 14.64 -5.41
C GLY A 69 -14.73 13.21 -5.92
N ARG A 70 -15.79 12.57 -5.49
CA ARG A 70 -16.11 11.23 -6.00
C ARG A 70 -16.46 11.25 -7.48
N GLN A 71 -17.19 12.23 -7.93
CA GLN A 71 -17.56 12.31 -9.34
C GLN A 71 -16.33 12.54 -10.15
N ALA A 72 -15.42 13.34 -9.67
CA ALA A 72 -14.23 13.61 -10.45
C ALA A 72 -13.39 12.35 -10.72
N GLU A 73 -13.55 11.37 -9.85
CA GLU A 73 -12.91 10.02 -10.04
C GLU A 73 -13.74 9.16 -11.04
N LEU A 74 -15.06 9.30 -10.97
CA LEU A 74 -15.94 8.51 -11.80
C LEU A 74 -15.96 8.99 -13.21
N GLU A 75 -15.65 10.27 -13.48
CA GLU A 75 -15.61 10.78 -14.80
C GLU A 75 -14.26 11.47 -15.07
N GLN A 76 -13.30 10.65 -15.42
CA GLN A 76 -11.91 11.04 -15.55
C GLN A 76 -11.67 11.89 -16.76
N PRO A 77 -10.62 12.68 -16.75
CA PRO A 77 -10.32 13.50 -17.82
C PRO A 77 -9.93 12.75 -19.10
N ARG A 78 -10.24 13.37 -20.22
CA ARG A 78 -9.85 12.87 -21.58
C ARG A 78 -9.24 13.94 -22.40
N LEU A 79 -8.48 13.53 -23.39
CA LEU A 79 -7.84 14.44 -24.32
C LEU A 79 -8.24 14.02 -25.75
N GLU A 80 -8.64 14.96 -26.58
CA GLU A 80 -8.77 14.78 -28.01
C GLU A 80 -7.81 15.62 -28.77
N HIS A 81 -6.91 14.98 -29.53
CA HIS A 81 -5.89 15.75 -30.22
C HIS A 81 -6.47 16.61 -31.27
N GLN A 82 -7.33 16.00 -32.11
CA GLN A 82 -7.89 16.67 -33.30
C GLN A 82 -9.45 16.85 -33.17
N ASP A 83 -9.96 17.85 -33.88
CA ASP A 83 -11.40 17.99 -34.10
C ASP A 83 -11.76 17.03 -35.25
N ALA A 84 -12.95 17.16 -35.77
CA ALA A 84 -13.46 16.21 -36.78
C ALA A 84 -13.09 16.54 -38.16
N TRP A 85 -12.47 17.71 -38.37
CA TRP A 85 -12.19 18.25 -39.66
C TRP A 85 -10.70 18.36 -39.99
N GLY A 86 -9.86 17.78 -39.10
CA GLY A 86 -8.41 17.75 -39.40
C GLY A 86 -7.56 18.88 -38.74
N LYS A 87 -8.12 19.49 -37.74
CA LYS A 87 -7.37 20.55 -37.10
C LYS A 87 -6.95 20.09 -35.77
N ARG A 88 -5.70 20.35 -35.47
CA ARG A 88 -5.14 20.04 -34.15
C ARG A 88 -5.76 21.02 -33.10
N VAL A 89 -6.37 20.49 -32.08
CA VAL A 89 -7.04 21.32 -31.07
C VAL A 89 -6.60 21.00 -29.67
N ASP A 90 -6.07 19.80 -29.34
CA ASP A 90 -5.64 19.44 -28.00
C ASP A 90 -6.76 19.71 -26.97
N LYS A 91 -7.95 19.22 -27.26
CA LYS A 91 -9.07 19.48 -26.37
C LYS A 91 -9.05 18.64 -25.09
N LEU A 92 -8.94 19.30 -23.95
CA LEU A 92 -9.01 18.61 -22.64
C LEU A 92 -10.45 18.54 -22.10
N ILE A 93 -10.99 17.37 -21.91
CA ILE A 93 -12.33 17.22 -21.49
C ILE A 93 -12.36 16.79 -20.02
N VAL A 94 -12.83 17.69 -19.13
CA VAL A 94 -12.80 17.46 -17.67
C VAL A 94 -14.19 17.64 -17.16
N CYS A 95 -14.55 16.87 -16.15
CA CYS A 95 -15.91 16.88 -15.70
C CYS A 95 -16.25 18.20 -15.02
N ASN A 96 -17.55 18.47 -14.95
CA ASN A 96 -18.04 19.75 -14.32
C ASN A 96 -17.63 19.82 -12.84
N GLU A 97 -17.53 18.67 -12.21
CA GLU A 97 -17.30 18.64 -10.77
C GLU A 97 -15.87 19.07 -10.41
N TRP A 98 -14.92 18.79 -11.31
CA TRP A 98 -13.56 19.26 -11.19
C TRP A 98 -13.53 20.80 -11.20
N HIS A 99 -14.21 21.38 -12.14
CA HIS A 99 -14.30 22.82 -12.16
C HIS A 99 -15.00 23.39 -10.89
N LYS A 100 -16.07 22.74 -10.48
CA LYS A 100 -16.82 23.20 -9.29
C LYS A 100 -15.91 23.17 -8.08
N LEU A 101 -15.10 22.17 -7.95
CA LEU A 101 -14.18 22.07 -6.82
C LEU A 101 -13.18 23.21 -6.86
N LYS A 102 -12.64 23.53 -8.02
CA LYS A 102 -11.79 24.68 -8.11
C LYS A 102 -12.49 25.98 -7.67
N GLN A 103 -13.74 26.12 -8.06
CA GLN A 103 -14.50 27.31 -7.68
C GLN A 103 -14.70 27.37 -6.18
N ILE A 104 -14.99 26.22 -5.59
CA ILE A 104 -15.18 26.15 -4.15
C ILE A 104 -13.89 26.53 -3.40
N CYS A 105 -12.75 26.11 -3.90
CA CYS A 105 -11.45 26.48 -3.32
C CYS A 105 -11.21 27.98 -3.30
N ALA A 106 -11.62 28.65 -4.39
CA ALA A 106 -11.59 30.06 -4.42
C ALA A 106 -12.55 30.69 -3.37
N GLU A 107 -13.82 30.34 -3.39
CA GLU A 107 -14.82 30.88 -2.47
C GLU A 107 -14.41 30.70 -0.99
N GLU A 108 -13.86 29.53 -0.69
CA GLU A 108 -13.43 29.15 0.67
C GLU A 108 -12.02 29.66 1.09
N GLY A 109 -11.33 30.29 0.14
CA GLY A 109 -10.04 30.89 0.40
C GLY A 109 -8.97 29.91 0.76
N VAL A 110 -9.01 28.73 0.13
CA VAL A 110 -7.98 27.75 0.38
C VAL A 110 -6.56 28.25 0.10
N ILE A 111 -6.41 29.16 -0.86
CA ILE A 111 -5.19 29.89 -1.09
C ILE A 111 -5.25 31.20 -0.31
N SER A 112 -6.33 31.96 -0.50
CA SER A 112 -6.40 33.27 0.04
C SER A 112 -6.05 33.43 1.49
N ILE A 113 -6.57 32.51 2.31
CA ILE A 113 -6.42 32.56 3.74
C ILE A 113 -4.93 32.59 4.12
N GLY A 114 -4.12 31.86 3.35
CA GLY A 114 -2.69 31.85 3.59
C GLY A 114 -1.92 33.12 3.42
N TYR A 115 -2.50 34.10 2.73
CA TYR A 115 -1.85 35.34 2.41
C TYR A 115 -2.65 36.59 2.83
N GLU A 116 -3.80 36.41 3.44
CA GLU A 116 -4.69 37.52 3.77
C GLU A 116 -3.92 38.62 4.58
N ASP A 117 -3.75 39.80 4.03
CA ASP A 117 -2.84 40.78 4.60
C ASP A 117 -3.30 41.25 5.98
N SER A 118 -4.60 41.18 6.28
CA SER A 118 -5.11 41.70 7.56
C SER A 118 -5.02 40.68 8.68
N VAL A 119 -4.57 39.46 8.42
CA VAL A 119 -4.46 38.45 9.46
C VAL A 119 -2.97 38.19 9.67
N ASP A 120 -2.64 38.03 10.92
CA ASP A 120 -1.35 37.59 11.38
C ASP A 120 -0.86 36.32 10.63
N PRO A 121 0.29 36.40 9.92
CA PRO A 121 0.79 35.23 9.14
C PRO A 121 0.87 33.92 9.94
N PHE A 122 1.25 34.03 11.18
CA PHE A 122 1.16 32.92 12.08
C PHE A 122 -0.21 32.19 12.07
N VAL A 123 -1.24 33.01 12.25
CA VAL A 123 -2.57 32.48 12.40
C VAL A 123 -3.01 31.96 11.06
N ARG A 124 -2.72 32.71 10.02
CA ARG A 124 -3.29 32.31 8.75
C ARG A 124 -2.76 31.03 8.16
N ARG A 125 -1.49 30.66 8.36
CA ARG A 125 -1.06 29.39 7.86
C ARG A 125 -1.61 28.21 8.68
N ILE A 126 -1.81 28.42 9.98
CA ILE A 126 -2.41 27.39 10.79
C ILE A 126 -3.88 27.17 10.34
N HIS A 127 -4.62 28.25 10.14
CA HIS A 127 -5.99 28.17 9.68
C HIS A 127 -5.97 27.48 8.30
N GLN A 128 -5.06 27.95 7.44
CA GLN A 128 -4.97 27.43 6.04
C GLN A 128 -4.65 25.95 5.99
N VAL A 129 -3.65 25.54 6.73
CA VAL A 129 -3.25 24.14 6.80
C VAL A 129 -4.37 23.27 7.35
N ALA A 130 -5.02 23.70 8.40
CA ALA A 130 -6.19 23.02 8.88
C ALA A 130 -7.33 22.85 7.80
N LYS A 131 -7.63 23.93 7.08
CA LYS A 131 -8.61 23.88 6.05
C LYS A 131 -8.24 22.88 4.90
N LEU A 132 -6.96 22.94 4.52
CA LEU A 132 -6.38 22.05 3.52
C LEU A 132 -6.48 20.58 3.97
N PHE A 133 -6.26 20.35 5.25
CA PHE A 133 -6.41 19.02 5.84
C PHE A 133 -7.86 18.47 5.78
N LEU A 134 -8.85 19.33 5.99
CA LEU A 134 -10.24 18.91 5.86
C LEU A 134 -10.57 18.63 4.40
N PHE A 135 -10.08 19.50 3.51
CA PHE A 135 -10.39 19.40 2.09
C PHE A 135 -9.77 18.16 1.43
N SER A 136 -8.52 17.89 1.74
CA SER A 136 -7.68 17.03 0.89
C SER A 136 -8.33 15.65 0.57
N PRO A 137 -8.83 14.93 1.58
CA PRO A 137 -9.27 13.56 1.27
C PRO A 137 -10.64 13.58 0.54
N SER A 138 -11.29 14.72 0.44
CA SER A 138 -12.54 14.85 -0.33
C SER A 138 -12.38 15.62 -1.66
N ALA A 139 -11.17 16.01 -1.98
CA ALA A 139 -10.96 17.04 -3.03
C ALA A 139 -10.97 16.53 -4.43
N GLY A 140 -11.00 15.22 -4.60
CA GLY A 140 -10.83 14.63 -6.00
C GLY A 140 -9.54 15.11 -6.64
N LEU A 141 -8.50 15.29 -5.80
CA LEU A 141 -7.14 15.70 -6.21
C LEU A 141 -7.03 17.13 -6.74
N VAL A 142 -8.05 17.94 -6.46
CA VAL A 142 -7.94 19.40 -6.57
C VAL A 142 -6.93 19.94 -5.56
N SER A 143 -6.64 19.14 -4.53
CA SER A 143 -5.50 19.37 -3.65
C SER A 143 -4.20 19.61 -4.39
N CYS A 144 -3.98 18.94 -5.54
CA CYS A 144 -2.74 19.11 -6.27
C CYS A 144 -2.61 20.53 -6.88
N PRO A 145 -3.57 20.97 -7.69
CA PRO A 145 -3.47 22.36 -8.13
C PRO A 145 -3.47 23.39 -6.96
N MET A 146 -4.14 23.11 -5.85
CA MET A 146 -4.06 24.07 -4.71
C MET A 146 -2.62 24.16 -4.22
N ALA A 147 -1.92 23.01 -4.14
CA ALA A 147 -0.57 23.00 -3.68
C ALA A 147 0.36 23.86 -4.60
N MET A 148 0.22 23.63 -5.90
CA MET A 148 1.08 24.30 -6.87
C MET A 148 0.72 25.80 -6.94
N THR A 149 -0.55 26.11 -6.75
CA THR A 149 -1.05 27.49 -6.73
C THR A 149 -0.45 28.24 -5.54
N ASP A 150 -0.52 27.64 -4.38
CA ASP A 150 0.11 28.21 -3.15
C ASP A 150 1.64 28.38 -3.33
N GLY A 151 2.25 27.36 -3.89
CA GLY A 151 3.67 27.42 -4.28
C GLY A 151 4.03 28.57 -5.21
N ALA A 152 3.19 28.73 -6.22
CA ALA A 152 3.40 29.81 -7.18
C ALA A 152 3.30 31.17 -6.52
N VAL A 153 2.29 31.34 -5.66
CA VAL A 153 2.12 32.63 -4.98
C VAL A 153 3.35 32.93 -4.12
N LYS A 154 3.79 31.90 -3.40
CA LYS A 154 4.97 32.03 -2.56
C LYS A 154 6.24 32.40 -3.34
N THR A 155 6.45 31.72 -4.47
CA THR A 155 7.63 31.94 -5.31
C THR A 155 7.61 33.35 -5.90
N LEU A 156 6.47 33.71 -6.53
CA LEU A 156 6.39 35.02 -7.18
C LEU A 156 6.56 36.16 -6.15
N THR A 157 5.95 35.98 -5.00
CA THR A 157 6.03 36.96 -3.89
C THR A 157 7.43 37.10 -3.34
N SER A 158 8.11 35.99 -3.11
CA SER A 158 9.47 35.96 -2.56
C SER A 158 10.49 36.51 -3.50
N LEU A 159 10.25 36.39 -4.80
CA LEU A 159 11.12 36.98 -5.84
C LEU A 159 10.93 38.49 -5.96
N ASN A 160 10.11 39.07 -5.08
CA ASN A 160 9.92 40.53 -5.09
CA ASN A 160 9.78 40.50 -5.04
C ASN A 160 9.32 41.05 -6.42
N LEU A 161 8.46 40.27 -7.06
CA LEU A 161 7.91 40.64 -8.36
C LEU A 161 6.60 41.48 -8.27
N TYR A 162 5.89 41.40 -7.13
CA TYR A 162 4.59 42.01 -6.98
C TYR A 162 4.66 43.54 -7.15
N GLY A 163 3.92 44.06 -8.12
CA GLY A 163 3.94 45.53 -8.41
C GLY A 163 5.17 45.96 -9.18
N LYS A 164 5.94 44.99 -9.67
CA LYS A 164 7.11 45.26 -10.49
C LYS A 164 7.07 44.54 -11.84
N HIS A 165 6.53 43.36 -11.84
CA HIS A 165 6.46 42.52 -13.02
C HIS A 165 4.97 42.33 -13.35
N LYS A 166 4.57 42.71 -14.53
CA LYS A 166 3.12 42.67 -14.86
C LYS A 166 2.47 41.32 -14.78
N LEU A 167 3.03 40.30 -15.43
CA LEU A 167 2.38 39.02 -15.45
C LEU A 167 2.37 38.41 -14.05
N ALA A 168 3.49 38.59 -13.33
CA ALA A 168 3.61 37.96 -12.00
C ALA A 168 2.62 38.64 -11.06
N THR A 169 2.43 39.95 -11.21
CA THR A 169 1.49 40.71 -10.35
C THR A 169 0.03 40.25 -10.64
N GLU A 170 -0.41 40.21 -11.89
CA GLU A 170 -1.69 39.62 -12.21
C GLU A 170 -1.84 38.22 -11.71
N ALA A 171 -0.82 37.35 -11.88
CA ALA A 171 -0.90 36.02 -11.36
C ALA A 171 -1.12 35.97 -9.84
N VAL A 172 -0.32 36.71 -9.08
CA VAL A 172 -0.51 36.65 -7.64
C VAL A 172 -1.93 37.07 -7.24
N ASP A 173 -2.44 38.17 -7.79
CA ASP A 173 -3.80 38.58 -7.53
C ASP A 173 -4.80 37.54 -7.87
N ARG A 174 -4.69 36.94 -9.04
CA ARG A 174 -5.66 35.92 -9.43
C ARG A 174 -5.48 34.58 -8.75
N LEU A 175 -4.25 34.12 -8.53
CA LEU A 175 -4.09 32.88 -7.79
C LEU A 175 -4.70 33.00 -6.36
N ARG A 176 -4.61 34.18 -5.77
CA ARG A 176 -5.15 34.44 -4.42
C ARG A 176 -6.65 34.80 -4.36
N SER A 177 -7.27 34.94 -5.52
CA SER A 177 -8.60 35.45 -5.56
C SER A 177 -9.63 34.51 -4.96
N ARG A 178 -10.63 35.08 -4.27
CA ARG A 178 -11.79 34.31 -3.78
C ARG A 178 -12.96 34.35 -4.78
N ASP A 179 -12.85 35.11 -5.85
CA ASP A 179 -13.93 35.22 -6.81
C ASP A 179 -13.75 34.03 -7.80
N PRO A 180 -14.67 33.07 -7.78
CA PRO A 180 -14.49 31.93 -8.67
C PRO A 180 -14.50 32.28 -10.14
N SER A 181 -15.05 33.43 -10.54
CA SER A 181 -15.02 33.84 -11.91
C SER A 181 -13.65 34.41 -12.33
N LYS A 182 -12.81 34.79 -11.37
CA LYS A 182 -11.53 35.41 -11.70
C LYS A 182 -10.32 34.52 -11.28
N ALA A 183 -10.53 33.66 -10.34
CA ALA A 183 -9.38 32.97 -9.70
C ALA A 183 -8.60 32.12 -10.70
N TRP A 184 -7.31 32.04 -10.49
CA TRP A 184 -6.42 31.20 -11.33
C TRP A 184 -5.80 30.08 -10.51
N THR A 185 -5.33 29.02 -11.19
CA THR A 185 -4.48 28.04 -10.59
C THR A 185 -3.21 27.99 -11.43
N SER A 186 -2.17 27.38 -10.85
CA SER A 186 -0.85 27.27 -11.51
C SER A 186 -0.44 25.81 -11.58
N GLY A 187 0.27 25.43 -12.63
CA GLY A 187 1.06 24.21 -12.64
C GLY A 187 2.57 24.53 -12.44
N GLN A 188 3.37 23.46 -12.47
CA GLN A 188 4.82 23.52 -12.15
C GLN A 188 5.37 22.40 -13.02
N TRP A 189 6.15 22.75 -14.03
CA TRP A 189 6.59 21.77 -15.00
C TRP A 189 8.15 21.59 -14.88
N MET A 190 8.58 20.71 -14.01
CA MET A 190 10.01 20.55 -13.77
CA MET A 190 10.02 20.49 -13.70
C MET A 190 10.51 19.17 -14.29
N THR A 191 9.69 18.15 -14.11
CA THR A 191 10.08 16.77 -14.45
C THR A 191 10.17 16.53 -15.95
N GLU A 192 11.33 16.00 -16.35
CA GLU A 192 11.55 15.59 -17.72
C GLU A 192 11.92 14.10 -17.78
N LYS A 193 12.04 13.59 -18.99
CA LYS A 193 12.21 12.12 -19.19
C LYS A 193 13.55 11.62 -18.53
N LYS A 194 14.57 12.48 -18.60
CA LYS A 194 15.93 12.08 -18.13
C LYS A 194 16.01 12.22 -16.63
N GLY A 195 15.23 13.09 -16.07
CA GLY A 195 15.15 13.04 -14.66
C GLY A 195 14.04 13.88 -14.11
N GLY A 196 13.65 13.41 -12.92
CA GLY A 196 12.73 14.20 -12.12
C GLY A 196 13.33 14.66 -10.81
N SER A 197 13.66 13.65 -10.05
CA SER A 197 14.47 13.81 -8.88
C SER A 197 15.62 14.76 -9.35
N ASP A 198 16.34 14.41 -10.43
CA ASP A 198 17.55 15.21 -10.82
C ASP A 198 17.31 16.25 -11.98
N VAL A 199 16.92 17.48 -11.68
CA VAL A 199 16.58 18.48 -12.73
C VAL A 199 17.82 19.14 -13.38
N ALA A 200 18.83 19.42 -12.55
CA ALA A 200 20.13 19.91 -13.06
C ALA A 200 20.67 18.96 -14.14
N GLY A 201 20.49 17.66 -13.93
CA GLY A 201 20.92 16.64 -14.88
C GLY A 201 19.89 16.27 -15.96
N GLY A 202 18.62 16.31 -15.61
CA GLY A 202 17.56 15.84 -16.50
C GLY A 202 16.90 16.85 -17.45
N CYS A 203 16.94 18.14 -17.06
CA CYS A 203 16.20 19.18 -17.78
C CYS A 203 16.87 19.50 -19.11
N ASP A 204 16.10 19.30 -20.18
CA ASP A 204 16.57 19.49 -21.52
C ASP A 204 15.55 20.32 -22.33
N THR A 205 15.07 21.38 -21.68
CA THR A 205 14.28 22.44 -22.31
C THR A 205 15.08 23.70 -22.48
N TYR A 206 14.95 24.32 -23.67
CA TYR A 206 15.76 25.45 -24.05
C TYR A 206 14.87 26.68 -24.25
N ALA A 207 15.45 27.84 -23.94
CA ALA A 207 14.79 29.12 -24.03
C ALA A 207 15.53 30.06 -24.94
N VAL A 208 14.89 30.41 -26.06
CA VAL A 208 15.48 31.31 -27.04
C VAL A 208 14.87 32.69 -26.86
N GLN A 209 15.70 33.68 -26.68
CA GLN A 209 15.19 35.05 -26.41
C GLN A 209 14.44 35.63 -27.60
N ILE A 210 13.27 36.19 -27.31
CA ILE A 210 12.46 36.88 -28.31
C ILE A 210 12.72 38.37 -28.14
N ASP A 211 12.53 38.85 -26.91
CA ASP A 211 12.80 40.29 -26.63
C ASP A 211 12.92 40.54 -25.15
N LYS A 212 14.00 41.18 -24.73
CA LYS A 212 14.26 41.46 -23.32
C LYS A 212 14.13 40.18 -22.48
N ASP A 213 13.12 40.08 -21.61
CA ASP A 213 13.01 38.91 -20.75
C ASP A 213 11.88 37.96 -21.19
N THR A 214 11.51 38.05 -22.47
CA THR A 214 10.53 37.15 -23.08
C THR A 214 11.21 36.20 -24.03
N TYR A 215 10.92 34.91 -23.83
CA TYR A 215 11.61 33.83 -24.49
C TYR A 215 10.61 32.88 -25.11
N ARG A 216 11.10 32.09 -26.05
CA ARG A 216 10.34 30.96 -26.53
C ARG A 216 10.99 29.65 -26.07
N LEU A 217 10.17 28.75 -25.58
CA LEU A 217 10.59 27.54 -24.95
C LEU A 217 10.41 26.33 -25.88
N HIS A 218 11.42 25.46 -25.87
CA HIS A 218 11.42 24.24 -26.66
C HIS A 218 11.88 23.09 -25.79
N GLY A 219 11.01 22.13 -25.56
CA GLY A 219 11.36 21.00 -24.69
C GLY A 219 10.23 20.05 -24.53
N TYR A 220 10.41 19.05 -23.66
CA TYR A 220 9.43 18.02 -23.41
C TYR A 220 9.25 17.85 -21.93
N LYS A 221 8.04 18.18 -21.45
CA LYS A 221 7.70 18.06 -20.05
C LYS A 221 7.03 16.71 -19.85
N TRP A 222 7.64 15.88 -19.01
CA TRP A 222 7.27 14.48 -18.95
C TRP A 222 6.09 14.16 -18.06
N PHE A 223 5.88 14.95 -17.00
CA PHE A 223 4.70 14.90 -16.16
C PHE A 223 4.29 16.32 -15.96
N SER A 224 3.13 16.71 -16.44
CA SER A 224 2.62 18.04 -16.15
C SER A 224 1.20 17.95 -15.69
N SER A 225 1.02 18.07 -14.38
CA SER A 225 -0.33 17.91 -13.77
C SER A 225 -1.14 19.21 -13.84
N ALA A 226 -2.46 19.04 -13.78
CA ALA A 226 -3.40 20.16 -13.86
C ALA A 226 -3.14 21.06 -15.04
N VAL A 227 -3.18 20.43 -16.24
CA VAL A 227 -3.08 21.17 -17.47
C VAL A 227 -4.28 22.09 -17.87
N ASP A 228 -5.34 21.98 -17.09
CA ASP A 228 -6.48 22.93 -17.11
C ASP A 228 -6.16 24.24 -16.34
N ALA A 229 -4.99 24.33 -15.68
CA ALA A 229 -4.53 25.56 -14.97
C ALA A 229 -4.33 26.74 -15.94
N ASP A 230 -4.08 27.94 -15.38
CA ASP A 230 -4.00 29.14 -16.12
C ASP A 230 -2.61 29.57 -16.45
N VAL A 231 -1.70 29.34 -15.54
CA VAL A 231 -0.29 29.70 -15.70
C VAL A 231 0.53 28.52 -15.19
N ALA A 232 1.81 28.55 -15.51
CA ALA A 232 2.75 27.58 -15.01
C ALA A 232 4.11 28.22 -14.84
N LEU A 233 4.84 27.65 -13.89
CA LEU A 233 6.24 27.94 -13.67
C LEU A 233 7.02 26.77 -14.27
N THR A 234 8.12 27.07 -14.96
CA THR A 234 8.95 26.00 -15.46
C THR A 234 10.37 26.42 -15.51
N LEU A 235 11.25 25.45 -15.74
CA LEU A 235 12.68 25.68 -15.84
C LEU A 235 13.13 25.43 -17.25
N ALA A 236 14.05 26.24 -17.72
CA ALA A 236 14.66 26.02 -19.02
C ALA A 236 16.08 26.55 -19.10
N ARG A 237 16.82 26.11 -20.12
CA ARG A 237 18.19 26.62 -20.35
C ARG A 237 18.20 27.72 -21.39
N ILE A 238 18.59 28.94 -20.99
CA ILE A 238 18.69 30.02 -21.92
C ILE A 238 19.83 29.75 -22.90
N VAL A 239 19.56 30.03 -24.17
CA VAL A 239 20.49 29.80 -25.26
C VAL A 239 21.13 31.14 -25.51
N ASP A 240 22.44 31.12 -25.66
CA ASP A 240 23.21 32.32 -25.83
C ASP A 240 23.32 32.71 -27.33
N SER A 241 23.93 33.86 -27.64
CA SER A 241 23.94 34.31 -29.01
C SER A 241 24.84 33.41 -29.88
N ASP A 242 25.56 32.45 -29.29
CA ASP A 242 26.32 31.48 -30.09
C ASP A 242 25.54 30.17 -30.37
N GLY A 243 24.30 30.04 -29.88
CA GLY A 243 23.57 28.80 -30.05
C GLY A 243 23.86 27.79 -28.96
N ASN A 244 24.52 28.21 -27.89
CA ASN A 244 24.91 27.31 -26.80
C ASN A 244 24.14 27.57 -25.52
N ALA A 245 24.25 26.60 -24.61
CA ALA A 245 23.65 26.59 -23.29
C ALA A 245 24.62 25.90 -22.29
N LEU A 246 24.36 26.09 -20.99
CA LEU A 246 25.19 25.51 -19.92
C LEU A 246 24.47 24.30 -19.38
N GLU A 247 25.25 23.24 -19.17
CA GLU A 247 24.81 22.05 -18.42
C GLU A 247 24.72 22.32 -16.89
N GLY A 248 24.13 21.38 -16.15
CA GLY A 248 23.98 21.46 -14.71
C GLY A 248 22.96 22.49 -14.24
N SER A 249 22.93 22.66 -12.92
CA SER A 249 22.07 23.65 -12.22
C SER A 249 22.25 25.12 -12.66
N ARG A 250 23.49 25.56 -12.86
CA ARG A 250 23.75 26.95 -13.24
C ARG A 250 23.32 27.31 -14.67
N GLY A 251 23.10 26.28 -15.50
CA GLY A 251 22.39 26.48 -16.76
C GLY A 251 20.87 26.76 -16.67
N LEU A 252 20.21 26.52 -15.52
CA LEU A 252 18.72 26.68 -15.40
C LEU A 252 18.23 28.04 -14.94
N SER A 253 17.21 28.52 -15.67
CA SER A 253 16.52 29.78 -15.37
C SER A 253 15.03 29.46 -15.19
N LEU A 254 14.35 30.33 -14.45
CA LEU A 254 12.91 30.10 -14.09
C LEU A 254 12.03 30.96 -14.96
N PHE A 255 10.90 30.39 -15.38
CA PHE A 255 10.02 31.11 -16.28
C PHE A 255 8.60 30.98 -15.82
N LEU A 256 7.82 32.02 -16.11
CA LEU A 256 6.38 32.06 -15.91
C LEU A 256 5.69 32.23 -17.27
N LEU A 257 4.61 31.46 -17.48
CA LEU A 257 3.87 31.53 -18.75
C LEU A 257 2.41 31.28 -18.55
N LYS A 258 1.62 31.82 -19.47
CA LYS A 258 0.23 31.44 -19.57
C LYS A 258 0.11 30.23 -20.40
N ILE A 259 -0.74 29.35 -19.99
CA ILE A 259 -0.91 28.09 -20.67
C ILE A 259 -1.63 28.27 -22.00
N ARG A 260 -2.62 29.18 -22.02
CA ARG A 260 -3.45 29.39 -23.21
C ARG A 260 -3.44 30.88 -23.48
N ASP A 261 -3.39 31.26 -24.77
CA ASP A 261 -3.47 32.67 -25.24
C ASP A 261 -4.87 33.30 -25.10
N GLU A 262 -5.01 34.54 -25.53
CA GLU A 262 -6.26 35.31 -25.40
C GLU A 262 -7.52 34.56 -25.92
N SER A 263 -7.36 33.76 -26.96
CA SER A 263 -8.50 33.04 -27.56
C SER A 263 -8.59 31.61 -27.14
N GLY A 264 -7.87 31.25 -26.07
CA GLY A 264 -8.08 29.94 -25.45
C GLY A 264 -7.28 28.84 -26.14
N ASN A 265 -6.48 29.20 -27.13
CA ASN A 265 -5.53 28.23 -27.70
C ASN A 265 -4.23 28.10 -26.88
N LEU A 266 -3.73 26.88 -26.89
CA LEU A 266 -2.48 26.56 -26.23
C LEU A 266 -1.33 27.42 -26.75
N ASN A 267 -0.54 27.90 -25.80
CA ASN A 267 0.56 28.79 -26.05
C ASN A 267 1.81 27.98 -26.48
N GLY A 268 1.93 27.60 -27.74
CA GLY A 268 3.09 26.86 -28.22
C GLY A 268 3.24 25.44 -27.62
N ILE A 269 2.12 24.84 -27.16
CA ILE A 269 2.15 23.62 -26.44
C ILE A 269 1.22 22.61 -27.13
N GLN A 270 1.65 21.35 -27.14
CA GLN A 270 0.79 20.20 -27.52
C GLN A 270 0.82 19.26 -26.42
N MET A 271 -0.36 18.66 -26.15
CA MET A 271 -0.46 17.63 -25.22
C MET A 271 -0.30 16.31 -25.96
N VAL A 272 0.80 15.66 -25.69
CA VAL A 272 1.15 14.45 -26.40
C VAL A 272 0.19 13.34 -25.93
N ARG A 273 -0.05 13.19 -24.64
CA ARG A 273 -0.99 12.25 -24.07
C ARG A 273 -1.26 12.57 -22.64
N LEU A 274 -2.31 12.01 -22.09
CA LEU A 274 -2.54 12.00 -20.68
C LEU A 274 -1.93 10.70 -20.12
N LYS A 275 -1.35 10.79 -18.94
CA LYS A 275 -0.85 9.58 -18.25
C LYS A 275 -1.99 8.71 -17.78
N ASN A 276 -1.72 7.41 -17.71
CA ASN A 276 -2.63 6.42 -17.18
C ASN A 276 -2.11 5.97 -15.82
N LYS A 277 -2.70 6.51 -14.74
CA LYS A 277 -2.06 6.52 -13.45
C LYS A 277 -2.70 5.57 -12.48
N LEU A 278 -1.90 5.07 -11.52
CA LEU A 278 -2.46 4.19 -10.47
C LEU A 278 -3.56 4.86 -9.70
N GLY A 279 -3.29 6.10 -9.31
CA GLY A 279 -4.23 6.94 -8.64
C GLY A 279 -4.02 8.39 -9.08
N THR A 280 -4.64 9.32 -8.36
CA THR A 280 -4.80 10.64 -8.88
C THR A 280 -5.49 10.67 -10.26
N LYS A 281 -6.33 9.70 -10.54
CA LYS A 281 -6.92 9.60 -11.85
C LYS A 281 -7.87 10.81 -12.16
N GLN A 282 -8.31 11.51 -11.12
CA GLN A 282 -9.14 12.73 -11.27
C GLN A 282 -8.42 13.84 -11.95
N LEU A 283 -7.11 13.84 -11.79
CA LEU A 283 -6.26 14.91 -12.14
C LEU A 283 -5.69 14.71 -13.56
N PRO A 284 -5.80 15.74 -14.41
CA PRO A 284 -5.22 15.57 -15.76
C PRO A 284 -3.73 15.79 -15.73
N THR A 285 -2.95 14.75 -15.96
CA THR A 285 -1.50 14.84 -16.03
C THR A 285 -1.10 14.50 -17.40
N ALA A 286 -0.46 15.44 -18.08
CA ALA A 286 -0.09 15.25 -19.53
C ALA A 286 1.38 15.18 -19.71
N GLU A 287 1.80 14.70 -20.88
CA GLU A 287 3.11 14.97 -21.42
C GLU A 287 2.94 16.15 -22.40
N LEU A 288 3.82 17.12 -22.30
CA LEU A 288 3.77 18.33 -23.11
C LEU A 288 4.97 18.48 -23.99
N LEU A 289 4.71 18.81 -25.25
CA LEU A 289 5.73 19.13 -26.18
C LEU A 289 5.66 20.63 -26.36
N LEU A 290 6.70 21.31 -25.87
CA LEU A 290 6.86 22.77 -26.04
C LEU A 290 7.62 23.06 -27.27
N ASP A 291 7.00 23.86 -28.15
CA ASP A 291 7.62 24.29 -29.38
C ASP A 291 7.25 25.75 -29.62
N GLY A 292 7.99 26.69 -29.01
CA GLY A 292 7.67 28.12 -29.21
C GLY A 292 6.77 28.74 -28.13
N ALA A 293 6.64 28.07 -27.00
CA ALA A 293 5.77 28.51 -25.90
C ALA A 293 6.36 29.82 -25.35
N ILE A 294 5.57 30.89 -25.36
CA ILE A 294 6.08 32.21 -24.99
C ILE A 294 6.07 32.33 -23.46
N ALA A 295 7.22 32.66 -22.87
CA ALA A 295 7.35 32.69 -21.41
C ALA A 295 8.20 33.85 -20.94
N GLU A 296 8.00 34.28 -19.71
CA GLU A 296 8.77 35.43 -19.15
C GLU A 296 9.80 34.94 -18.13
N ARG A 297 11.09 35.25 -18.33
CA ARG A 297 12.10 34.92 -17.34
C ARG A 297 11.80 35.67 -16.05
N ILE A 298 11.85 34.94 -14.94
CA ILE A 298 11.72 35.55 -13.59
C ILE A 298 12.85 35.06 -12.70
N GLY A 299 13.27 35.96 -11.82
CA GLY A 299 14.44 35.70 -11.02
C GLY A 299 15.67 35.82 -11.90
N ASP A 300 16.84 35.65 -11.30
CA ASP A 300 18.08 35.84 -12.05
C ASP A 300 18.42 34.68 -12.98
N GLN A 301 19.05 35.04 -14.09
CA GLN A 301 19.48 34.05 -15.02
C GLN A 301 20.45 33.08 -14.33
N GLY A 302 20.23 31.78 -14.54
CA GLY A 302 21.12 30.77 -13.95
C GLY A 302 20.68 30.37 -12.57
N ARG A 303 19.72 31.10 -12.02
CA ARG A 303 19.24 30.87 -10.63
C ARG A 303 17.79 30.32 -10.50
N GLY A 304 17.41 29.48 -11.45
CA GLY A 304 16.06 28.92 -11.47
C GLY A 304 15.87 27.90 -10.40
N VAL A 305 16.90 27.11 -10.09
CA VAL A 305 16.72 26.19 -9.01
C VAL A 305 16.53 26.89 -7.63
N ALA A 306 17.35 27.85 -7.32
CA ALA A 306 17.08 28.72 -6.16
C ALA A 306 15.71 29.36 -6.24
N GLY A 307 15.33 29.87 -7.40
CA GLY A 307 14.01 30.48 -7.54
C GLY A 307 12.86 29.58 -7.18
N ILE A 308 12.88 28.33 -7.63
N ILE A 308 12.82 28.33 -7.67
CA ILE A 308 11.81 27.45 -7.26
CA ILE A 308 11.57 27.54 -7.64
C ILE A 308 12.02 26.97 -5.84
C ILE A 308 11.32 26.75 -6.33
N SER A 309 13.21 27.12 -5.28
N SER A 309 12.23 26.91 -5.37
CA SER A 309 13.46 26.67 -3.89
CA SER A 309 12.23 26.08 -4.16
C SER A 309 12.57 27.37 -2.85
C SER A 309 11.15 26.43 -3.13
N ASN A 310 12.15 28.58 -3.18
N ASN A 310 10.49 27.58 -3.30
CA ASN A 310 11.26 29.33 -2.29
CA ASN A 310 9.34 27.93 -2.47
C ASN A 310 9.99 28.62 -1.93
C ASN A 310 8.04 27.18 -2.92
N MET A 311 9.63 27.67 -2.76
N MET A 311 7.94 26.79 -4.19
CA MET A 311 8.32 27.04 -2.79
CA MET A 311 6.74 26.08 -4.63
C MET A 311 8.35 25.72 -2.02
C MET A 311 6.93 24.59 -4.25
N LEU A 312 9.56 25.19 -1.84
N LEU A 312 7.98 23.99 -4.75
CA LEU A 312 9.64 23.83 -1.25
CA LEU A 312 8.15 22.57 -4.54
C LEU A 312 9.02 23.74 0.16
C LEU A 312 8.78 22.56 -3.17
N ASN A 313 9.21 24.67 1.06
N ASN A 313 7.97 22.37 -2.11
CA ASN A 313 8.54 24.48 2.37
CA ASN A 313 8.33 22.85 -0.77
C ASN A 313 7.06 24.27 2.16
C ASN A 313 7.15 23.46 0.13
N ILE A 314 6.38 25.22 1.50
N ILE A 314 6.50 24.52 -0.31
CA ILE A 314 4.91 25.15 1.39
CA ILE A 314 5.12 24.70 0.02
C ILE A 314 4.49 23.97 0.51
C ILE A 314 4.40 23.42 -0.49
N THR A 315 5.19 23.49 -0.65
N THR A 315 4.81 22.85 -1.63
CA THR A 315 4.70 22.36 -1.42
CA THR A 315 4.02 21.65 -2.00
C THR A 315 4.83 21.08 -0.56
C THR A 315 4.25 20.45 -1.04
N ARG A 316 5.92 21.02 0.23
N ARG A 316 5.45 20.34 -0.45
CA ARG A 316 6.24 19.81 1.03
CA ARG A 316 5.80 19.39 0.63
C ARG A 316 5.17 19.63 2.06
C ARG A 316 4.94 19.56 1.96
N ILE A 317 4.66 20.76 2.51
CA ILE A 317 3.67 20.86 3.59
C ILE A 317 2.29 20.36 3.03
N HIS A 318 1.87 20.85 1.85
CA HIS A 318 0.64 20.37 1.23
C HIS A 318 0.64 18.83 1.01
N ASN A 319 1.76 18.30 0.59
CA ASN A 319 1.87 16.87 0.38
C ASN A 319 1.72 16.11 1.71
N ALA A 320 2.31 16.61 2.78
CA ALA A 320 2.11 15.96 4.09
C ALA A 320 0.68 16.06 4.52
N VAL A 321 0.02 17.20 4.25
CA VAL A 321 -1.40 17.35 4.52
C VAL A 321 -2.19 16.26 3.83
N ALA A 322 -1.86 15.98 2.58
CA ALA A 322 -2.55 14.96 1.87
C ALA A 322 -2.29 13.56 2.50
N SER A 323 -1.04 13.24 2.82
CA SER A 323 -0.72 11.91 3.42
C SER A 323 -1.59 11.78 4.68
N LEU A 324 -1.55 12.82 5.54
CA LEU A 324 -2.26 12.79 6.80
C LEU A 324 -3.76 12.78 6.61
N GLY A 325 -4.25 13.48 5.58
CA GLY A 325 -5.69 13.45 5.32
C GLY A 325 -6.21 12.03 4.96
N TYR A 326 -5.41 11.29 4.22
CA TYR A 326 -5.81 9.90 3.85
C TYR A 326 -5.71 8.97 5.06
N MET A 327 -4.71 9.21 5.92
CA MET A 327 -4.58 8.42 7.13
C MET A 327 -5.77 8.71 8.05
N ARG A 328 -6.05 9.98 8.28
CA ARG A 328 -7.19 10.35 9.13
C ARG A 328 -8.54 9.87 8.54
N ARG A 329 -8.70 10.01 7.23
CA ARG A 329 -9.95 9.67 6.61
C ARG A 329 -10.20 8.12 6.77
N ILE A 330 -9.22 7.30 6.52
CA ILE A 330 -9.47 5.85 6.63
C ILE A 330 -9.81 5.42 8.06
N ILE A 331 -9.11 6.00 9.02
CA ILE A 331 -9.40 5.75 10.44
C ILE A 331 -10.82 6.22 10.78
N SER A 332 -11.21 7.41 10.34
CA SER A 332 -12.49 7.94 10.61
C SER A 332 -13.60 7.05 10.05
N LEU A 333 -13.46 6.58 8.83
CA LEU A 333 -14.44 5.71 8.24
C LEU A 333 -14.40 4.32 8.89
N ALA A 334 -13.21 3.79 9.12
CA ALA A 334 -13.06 2.45 9.71
C ALA A 334 -13.68 2.41 11.15
N ARG A 335 -13.41 3.45 11.97
CA ARG A 335 -13.99 3.45 13.33
C ARG A 335 -15.53 3.56 13.26
N ASP A 336 -16.04 4.38 12.33
CA ASP A 336 -17.51 4.43 12.16
C ASP A 336 -18.12 3.05 11.79
N TYR A 337 -17.50 2.42 10.79
CA TYR A 337 -17.93 1.13 10.34
C TYR A 337 -17.83 0.08 11.45
N SER A 338 -16.84 0.22 12.31
CA SER A 338 -16.65 -0.71 13.41
C SER A 338 -17.84 -0.73 14.34
N THR A 339 -18.63 0.37 14.35
CA THR A 339 -19.80 0.42 15.25
C THR A 339 -21.04 -0.17 14.61
N LYS A 340 -20.97 -0.52 13.34
CA LYS A 340 -22.13 -1.01 12.55
C LYS A 340 -21.95 -2.44 12.02
N ARG A 341 -20.71 -2.94 11.92
CA ARG A 341 -20.40 -4.27 11.42
C ARG A 341 -20.26 -5.30 12.50
N VAL A 342 -21.24 -6.22 12.54
CA VAL A 342 -21.22 -7.29 13.54
C VAL A 342 -20.43 -8.46 13.03
N VAL A 343 -19.50 -8.91 13.83
CA VAL A 343 -18.72 -10.12 13.55
C VAL A 343 -18.65 -10.95 14.79
N PHE A 344 -18.91 -12.24 14.64
CA PHE A 344 -18.91 -13.15 15.76
C PHE A 344 -19.79 -12.62 16.91
N GLY A 345 -20.95 -12.07 16.55
CA GLY A 345 -21.98 -11.73 17.51
C GLY A 345 -21.88 -10.39 18.22
N GLN A 346 -20.86 -9.58 17.95
CA GLN A 346 -20.88 -8.19 18.36
C GLN A 346 -20.17 -7.32 17.36
N THR A 347 -20.35 -6.00 17.47
CA THR A 347 -19.76 -5.12 16.49
C THR A 347 -18.27 -5.17 16.62
N GLN A 348 -17.57 -4.94 15.51
CA GLN A 348 -16.09 -4.95 15.51
C GLN A 348 -15.52 -4.06 16.59
N SER A 349 -16.24 -2.96 16.85
CA SER A 349 -15.81 -1.97 17.88
C SER A 349 -15.60 -2.57 19.26
N LYS A 350 -16.25 -3.70 19.53
CA LYS A 350 -16.16 -4.30 20.85
C LYS A 350 -15.07 -5.35 21.00
N TRP A 351 -14.46 -5.77 19.88
CA TRP A 351 -13.40 -6.82 19.91
C TRP A 351 -12.05 -6.18 20.19
N PRO A 352 -11.41 -6.53 21.31
CA PRO A 352 -10.15 -5.84 21.65
C PRO A 352 -9.08 -5.91 20.57
N LEU A 353 -9.04 -7.01 19.82
CA LEU A 353 -8.05 -7.12 18.71
C LEU A 353 -8.24 -6.04 17.63
N HIS A 354 -9.49 -5.74 17.38
CA HIS A 354 -9.82 -4.72 16.44
C HIS A 354 -9.39 -3.32 16.91
N THR A 355 -9.72 -2.98 18.15
CA THR A 355 -9.35 -1.66 18.70
C THR A 355 -7.83 -1.53 18.97
N THR A 356 -7.16 -2.65 19.20
CA THR A 356 -5.70 -2.67 19.33
C THR A 356 -5.05 -2.23 18.00
N THR A 357 -5.56 -2.75 16.91
CA THR A 357 -5.01 -2.43 15.57
C THR A 357 -5.28 -0.98 15.28
N LEU A 358 -6.50 -0.51 15.50
CA LEU A 358 -6.83 0.88 15.24
C LEU A 358 -6.13 1.84 16.21
N ALA A 359 -5.96 1.43 17.46
CA ALA A 359 -5.33 2.35 18.40
C ALA A 359 -3.90 2.68 17.98
N LYS A 360 -3.17 1.70 17.45
CA LYS A 360 -1.83 1.97 17.03
C LYS A 360 -1.76 2.93 15.80
N MET A 361 -2.68 2.76 14.87
CA MET A 361 -2.84 3.66 13.69
C MET A 361 -3.14 5.09 14.19
N GLU A 362 -3.99 5.20 15.22
CA GLU A 362 -4.33 6.50 15.79
C GLU A 362 -3.10 7.16 16.47
N VAL A 363 -2.36 6.39 17.24
CA VAL A 363 -1.13 6.88 17.89
C VAL A 363 -0.19 7.48 16.82
N ASP A 364 0.09 6.71 15.77
CA ASP A 364 1.06 7.14 14.77
C ASP A 364 0.56 8.39 13.97
N THR A 365 -0.74 8.44 13.72
CA THR A 365 -1.35 9.53 13.05
C THR A 365 -1.27 10.77 13.85
N ARG A 366 -1.59 10.67 15.15
CA ARG A 366 -1.56 11.84 15.95
C ARG A 366 -0.18 12.50 16.00
N GLY A 367 0.83 11.70 16.19
CA GLY A 367 2.21 12.16 16.13
C GLY A 367 2.52 13.04 14.93
N SER A 368 2.27 12.50 13.76
CA SER A 368 2.54 13.26 12.55
C SER A 368 1.58 14.44 12.36
N MET A 369 0.33 14.39 12.87
CA MET A 369 -0.55 15.55 12.82
C MET A 369 0.11 16.73 13.61
N LEU A 370 0.68 16.44 14.79
CA LEU A 370 1.36 17.54 15.52
C LEU A 370 2.59 18.04 14.81
N LEU A 371 3.32 17.12 14.17
CA LEU A 371 4.46 17.53 13.40
C LEU A 371 4.00 18.49 12.28
N LEU A 372 2.86 18.17 11.68
CA LEU A 372 2.31 19.01 10.62
C LEU A 372 2.02 20.42 11.07
N PHE A 373 1.37 20.51 12.25
CA PHE A 373 1.06 21.80 12.84
C PHE A 373 2.24 22.57 13.36
N GLU A 374 3.28 21.87 13.79
CA GLU A 374 4.57 22.51 14.09
C GLU A 374 5.15 23.14 12.85
N ALA A 375 5.08 22.43 11.71
CA ALA A 375 5.53 23.00 10.46
C ALA A 375 4.72 24.22 10.01
N ALA A 376 3.41 24.15 10.16
CA ALA A 376 2.57 25.29 9.86
C ALA A 376 2.89 26.50 10.71
N ARG A 377 3.00 26.25 12.01
CA ARG A 377 3.37 27.28 12.99
C ARG A 377 4.72 27.93 12.60
N LEU A 378 5.72 27.11 12.29
CA LEU A 378 7.03 27.61 11.91
C LEU A 378 6.98 28.42 10.62
N LEU A 379 6.19 27.99 9.66
CA LEU A 379 6.10 28.69 8.36
C LEU A 379 5.50 30.10 8.55
N GLY A 380 4.39 30.13 9.29
CA GLY A 380 3.75 31.41 9.68
C GLY A 380 4.68 32.37 10.41
N LEU A 381 5.40 31.86 11.41
CA LEU A 381 6.39 32.67 12.14
C LEU A 381 7.48 33.26 11.21
N SER A 382 7.97 32.42 10.30
CA SER A 382 8.98 32.86 9.35
C SER A 382 8.43 33.99 8.41
N GLU A 383 7.19 33.82 7.98
CA GLU A 383 6.50 34.81 7.14
C GLU A 383 6.10 36.10 7.87
N ALA A 384 5.92 36.05 9.18
CA ALA A 384 5.72 37.27 10.02
C ALA A 384 7.01 38.03 10.36
N GLY A 385 8.16 37.40 10.14
CA GLY A 385 9.47 38.00 10.46
C GLY A 385 9.79 37.87 11.93
N LYS A 386 9.20 36.87 12.58
CA LYS A 386 9.22 36.66 14.05
C LYS A 386 9.93 35.38 14.56
N SER A 387 10.59 34.66 13.66
CA SER A 387 11.29 33.43 14.01
C SER A 387 12.54 33.71 14.83
N SER A 388 12.74 32.98 15.92
CA SER A 388 14.08 32.93 16.56
C SER A 388 15.03 32.18 15.60
N ASP A 389 16.34 32.24 15.84
CA ASP A 389 17.27 31.44 14.99
C ASP A 389 16.86 29.96 15.09
N VAL A 390 16.52 29.47 16.28
CA VAL A 390 16.09 28.04 16.39
C VAL A 390 14.85 27.76 15.49
N GLU A 391 13.90 28.66 15.49
CA GLU A 391 12.67 28.45 14.68
C GLU A 391 12.93 28.49 13.19
N ALA A 392 13.86 29.35 12.73
CA ALA A 392 14.19 29.41 11.29
C ALA A 392 14.87 28.12 10.85
N MET A 393 15.78 27.63 11.68
CA MET A 393 16.50 26.36 11.42
C MET A 393 15.52 25.18 11.45
N MET A 394 14.56 25.17 12.39
CA MET A 394 13.54 24.09 12.42
C MET A 394 12.60 24.13 11.24
N LEU A 395 12.29 25.32 10.71
CA LEU A 395 11.54 25.33 9.43
C LEU A 395 12.27 24.63 8.24
N ARG A 396 13.55 24.88 8.04
CA ARG A 396 14.38 24.17 7.05
C ARG A 396 14.44 22.65 7.32
N LEU A 397 14.55 22.24 8.57
CA LEU A 397 14.65 20.81 8.90
C LEU A 397 13.33 20.09 8.80
N ILE A 398 12.26 20.75 9.29
CA ILE A 398 11.01 20.01 9.45
C ILE A 398 10.29 19.67 8.12
N THR A 399 10.40 20.52 7.10
CA THR A 399 9.62 20.39 5.94
C THR A 399 9.96 19.08 5.19
N PRO A 400 11.24 18.82 4.91
CA PRO A 400 11.51 17.50 4.29
C PRO A 400 11.26 16.27 5.19
N VAL A 401 11.52 16.42 6.49
CA VAL A 401 11.32 15.36 7.44
C VAL A 401 9.85 15.01 7.53
N LEU A 402 8.99 16.03 7.64
CA LEU A 402 7.57 15.81 7.67
C LEU A 402 7.03 15.13 6.40
N LYS A 403 7.47 15.65 5.28
CA LYS A 403 6.97 15.15 4.01
C LYS A 403 7.33 13.68 3.88
N LEU A 404 8.58 13.37 4.01
CA LEU A 404 9.02 11.99 3.83
C LEU A 404 8.45 11.03 4.86
N TYR A 405 8.33 11.47 6.12
CA TYR A 405 7.87 10.55 7.17
C TYR A 405 6.36 10.26 7.01
N ALA A 406 5.55 11.29 6.85
CA ALA A 406 4.11 11.09 6.71
C ALA A 406 3.88 10.36 5.35
N GLY A 407 4.72 10.67 4.35
CA GLY A 407 4.60 10.02 3.04
C GLY A 407 4.80 8.52 3.17
N LYS A 408 5.77 8.13 4.01
CA LYS A 408 6.11 6.71 4.19
C LYS A 408 5.13 5.97 5.14
N GLN A 409 4.51 6.67 6.09
CA GLN A 409 3.42 6.14 6.88
C GLN A 409 2.17 5.82 6.07
N ALA A 410 1.88 6.60 5.03
CA ALA A 410 0.56 6.67 4.47
C ALA A 410 0.08 5.35 3.85
N VAL A 411 0.86 4.73 2.96
CA VAL A 411 0.34 3.51 2.32
C VAL A 411 0.16 2.36 3.28
N PRO A 412 1.16 2.07 4.15
CA PRO A 412 0.89 0.95 5.07
C PRO A 412 -0.32 1.24 5.98
N MET A 413 -0.52 2.47 6.43
CA MET A 413 -1.66 2.78 7.28
C MET A 413 -2.98 2.67 6.55
N VAL A 414 -3.07 3.25 5.35
CA VAL A 414 -4.30 3.17 4.57
C VAL A 414 -4.61 1.70 4.23
N SER A 415 -3.56 0.93 3.89
CA SER A 415 -3.69 -0.47 3.60
C SER A 415 -4.33 -1.24 4.81
N GLU A 416 -3.81 -0.95 5.99
CA GLU A 416 -4.40 -1.53 7.23
C GLU A 416 -5.84 -1.11 7.40
N GLY A 417 -6.11 0.14 7.13
CA GLY A 417 -7.41 0.72 7.25
C GLY A 417 -8.39 0.05 6.33
N ILE A 418 -8.03 -0.15 5.06
CA ILE A 418 -9.01 -0.79 4.18
C ILE A 418 -9.34 -2.22 4.59
N GLU A 419 -8.37 -2.91 5.16
CA GLU A 419 -8.58 -4.29 5.65
C GLU A 419 -9.57 -4.36 6.81
N CYS A 420 -9.74 -3.27 7.55
CA CYS A 420 -10.79 -3.18 8.59
C CYS A 420 -12.24 -3.41 8.01
N PHE A 421 -12.43 -3.15 6.72
CA PHE A 421 -13.72 -3.37 6.02
C PHE A 421 -13.82 -4.74 5.39
N GLY A 422 -12.75 -5.52 5.50
CA GLY A 422 -12.72 -6.82 4.87
C GLY A 422 -12.76 -6.69 3.33
N GLY A 423 -13.45 -7.62 2.67
CA GLY A 423 -13.55 -7.58 1.24
C GLY A 423 -14.09 -6.28 0.69
N GLN A 424 -15.02 -5.66 1.40
CA GLN A 424 -15.56 -4.33 1.02
C GLN A 424 -14.54 -3.22 0.83
N GLY A 425 -13.46 -3.28 1.61
CA GLY A 425 -12.38 -2.33 1.52
C GLY A 425 -11.64 -2.40 0.19
N TYR A 426 -11.74 -3.54 -0.47
CA TYR A 426 -11.12 -3.78 -1.76
C TYR A 426 -12.03 -3.46 -2.97
N MET A 427 -13.26 -2.99 -2.74
CA MET A 427 -14.28 -2.77 -3.77
C MET A 427 -14.27 -1.27 -4.17
N GLU A 428 -13.90 -1.00 -5.41
CA GLU A 428 -13.79 0.38 -5.91
C GLU A 428 -15.05 1.15 -5.78
N ASP A 429 -16.18 0.50 -5.85
CA ASP A 429 -17.45 1.22 -5.79
C ASP A 429 -17.79 1.76 -4.41
N THR A 430 -17.04 1.35 -3.41
CA THR A 430 -17.18 1.87 -2.07
C THR A 430 -16.55 3.26 -1.91
N GLY A 431 -15.63 3.61 -2.80
CA GLY A 431 -14.81 4.77 -2.60
C GLY A 431 -13.59 4.56 -1.76
N LEU A 432 -13.45 3.40 -1.10
CA LEU A 432 -12.35 3.17 -0.18
C LEU A 432 -10.99 2.95 -0.84
N PRO A 433 -10.89 2.13 -1.89
CA PRO A 433 -9.63 1.95 -2.59
C PRO A 433 -9.02 3.19 -3.20
N THR A 434 -9.84 4.19 -3.48
CA THR A 434 -9.31 5.45 -3.94
C THR A 434 -8.34 6.04 -2.94
N LEU A 435 -8.66 5.93 -1.66
CA LEU A 435 -7.79 6.43 -0.60
C LEU A 435 -6.41 5.82 -0.64
N LEU A 436 -6.31 4.50 -0.89
CA LEU A 436 -5.05 3.82 -0.99
C LEU A 436 -4.29 4.21 -2.26
N ARG A 437 -4.98 4.15 -3.43
CA ARG A 437 -4.32 4.46 -4.70
C ARG A 437 -3.79 5.92 -4.73
N ASP A 438 -4.57 6.83 -4.17
CA ASP A 438 -4.21 8.24 -4.09
C ASP A 438 -3.12 8.51 -3.04
N ALA A 439 -3.18 7.87 -1.87
CA ALA A 439 -2.13 7.98 -0.87
C ALA A 439 -0.79 7.53 -1.42
N GLN A 440 -0.77 6.60 -2.37
CA GLN A 440 0.46 6.07 -2.91
C GLN A 440 1.21 7.11 -3.74
N VAL A 441 0.53 8.20 -4.17
CA VAL A 441 1.28 9.26 -4.87
C VAL A 441 2.21 10.01 -3.91
N THR A 442 1.82 10.04 -2.63
CA THR A 442 2.46 10.96 -1.67
C THR A 442 3.93 10.66 -1.30
N PRO A 443 4.39 9.39 -1.26
CA PRO A 443 5.82 9.24 -1.05
C PRO A 443 6.67 9.35 -2.31
N ILE A 444 5.99 9.53 -3.48
CA ILE A 444 6.67 9.50 -4.79
C ILE A 444 6.89 10.91 -5.33
N TRP A 445 5.87 11.72 -5.46
CA TRP A 445 6.10 12.97 -6.14
C TRP A 445 6.62 14.01 -5.13
N GLU A 446 7.17 15.06 -5.68
CA GLU A 446 7.74 16.17 -4.90
C GLU A 446 8.87 15.63 -4.06
N GLY A 447 9.61 14.68 -4.61
CA GLY A 447 10.68 13.96 -3.97
C GLY A 447 10.32 12.61 -3.31
N THR A 448 11.07 11.58 -3.65
CA THR A 448 10.88 10.27 -3.02
C THR A 448 11.40 10.28 -1.57
N THR A 449 11.05 9.28 -0.78
CA THR A 449 11.51 9.14 0.61
C THR A 449 13.01 9.29 0.70
N ASN A 450 13.76 8.60 -0.16
CA ASN A 450 15.16 8.66 -0.12
C ASN A 450 15.78 9.95 -0.59
N VAL A 451 15.26 10.52 -1.66
CA VAL A 451 15.71 11.82 -2.14
C VAL A 451 15.54 12.87 -1.04
N LEU A 452 14.36 12.92 -0.41
CA LEU A 452 14.13 13.84 0.74
C LEU A 452 14.98 13.53 1.96
N SER A 453 15.27 12.28 2.21
CA SER A 453 16.16 11.90 3.26
C SER A 453 17.59 12.49 3.04
N LEU A 454 18.04 12.50 1.79
CA LEU A 454 19.30 13.10 1.44
C LEU A 454 19.25 14.64 1.63
N ASP A 455 18.11 15.24 1.26
CA ASP A 455 17.88 16.68 1.49
C ASP A 455 18.03 16.98 2.99
N VAL A 456 17.50 16.13 3.87
CA VAL A 456 17.62 16.31 5.33
C VAL A 456 19.11 16.38 5.71
N LEU A 457 19.88 15.44 5.21
CA LEU A 457 21.32 15.41 5.45
C LEU A 457 21.95 16.68 5.01
N ARG A 458 21.59 17.14 3.82
CA ARG A 458 22.10 18.41 3.35
C ARG A 458 21.73 19.61 4.21
N VAL A 459 20.50 19.67 4.69
CA VAL A 459 20.12 20.75 5.58
C VAL A 459 21.20 20.86 6.65
N PHE A 460 21.58 19.73 7.24
CA PHE A 460 22.50 19.85 8.35
C PHE A 460 24.00 19.68 8.08
N SER A 461 24.39 19.27 6.88
CA SER A 461 25.83 18.96 6.67
C SER A 461 26.84 20.13 6.44
N GLY A 462 28.04 20.03 7.00
CA GLY A 462 28.37 19.24 8.22
C GLY A 462 27.97 20.03 9.48
N LYS A 463 28.13 21.37 9.40
CA LYS A 463 27.63 22.38 10.41
C LYS A 463 26.55 21.96 11.45
N GLU A 464 27.09 21.53 12.61
CA GLU A 464 26.39 21.06 13.83
C GLU A 464 25.38 22.02 14.49
N ASN A 465 25.29 23.25 14.00
CA ASN A 465 24.27 24.18 14.46
C ASN A 465 22.80 23.69 14.21
N ILE A 466 22.47 23.06 13.07
CA ILE A 466 21.12 22.56 12.89
C ILE A 466 20.76 21.53 13.97
N LEU A 467 21.66 20.62 14.30
CA LEU A 467 21.36 19.60 15.27
C LEU A 467 21.35 20.18 16.71
N LEU A 468 22.17 21.16 16.96
CA LEU A 468 22.16 21.76 18.27
C LEU A 468 20.83 22.55 18.49
N ALA A 469 20.35 23.19 17.43
CA ALA A 469 19.05 23.84 17.41
C ALA A 469 17.87 22.88 17.57
N PHE A 470 17.99 21.67 17.03
CA PHE A 470 16.97 20.69 17.13
C PHE A 470 16.90 20.26 18.57
N GLY A 471 18.05 20.08 19.16
CA GLY A 471 18.20 19.79 20.58
C GLY A 471 17.57 20.85 21.46
N LYS A 472 17.73 22.12 21.10
CA LYS A 472 17.10 23.22 21.90
C LYS A 472 15.56 23.20 21.76
N ARG A 473 15.08 22.93 20.56
CA ARG A 473 13.63 22.87 20.32
C ARG A 473 13.04 21.69 21.11
N VAL A 474 13.67 20.52 21.07
CA VAL A 474 13.17 19.42 21.84
C VAL A 474 13.17 19.73 23.32
N GLU A 475 14.25 20.34 23.79
CA GLU A 475 14.31 20.73 25.18
C GLU A 475 13.22 21.72 25.59
N GLN A 476 12.91 22.68 24.74
CA GLN A 476 11.76 23.57 24.98
C GLN A 476 10.47 22.81 25.11
N LEU A 477 10.28 21.83 24.25
CA LEU A 477 9.05 21.02 24.28
C LEU A 477 8.99 20.19 25.57
N LEU A 478 10.11 19.64 26.02
CA LEU A 478 10.06 18.72 27.11
C LEU A 478 10.02 19.48 28.44
N GLY A 479 10.32 20.79 28.38
CA GLY A 479 10.44 21.63 29.56
C GLY A 479 9.08 21.82 30.23
N ASN A 480 8.02 21.59 29.48
CA ASN A 480 6.71 21.75 30.01
C ASN A 480 6.10 20.42 30.46
N THR A 481 6.86 19.33 30.47
CA THR A 481 6.32 17.99 30.84
C THR A 481 5.77 17.97 32.21
N LYS A 482 4.61 17.34 32.39
CA LYS A 482 4.06 17.08 33.73
C LYS A 482 4.64 15.84 34.26
N THR A 483 5.80 15.96 34.88
CA THR A 483 6.54 14.78 35.36
C THR A 483 5.88 14.05 36.55
N GLU A 484 4.91 14.69 37.21
CA GLU A 484 4.11 14.01 38.28
C GLU A 484 3.28 12.87 37.70
N ASP A 485 2.94 12.96 36.42
CA ASP A 485 2.38 11.79 35.71
C ASP A 485 3.52 10.85 35.29
N GLU A 486 3.52 9.59 35.77
CA GLU A 486 4.65 8.64 35.56
C GLU A 486 4.79 8.29 34.05
N LYS A 487 3.66 8.24 33.37
CA LYS A 487 3.69 7.96 31.91
C LYS A 487 4.38 9.05 31.14
N LEU A 488 4.10 10.30 31.47
CA LEU A 488 4.72 11.42 30.74
C LEU A 488 6.18 11.62 31.12
N LYS A 489 6.51 11.36 32.37
CA LYS A 489 7.92 11.31 32.79
C LYS A 489 8.75 10.25 32.04
N LYS A 490 8.24 9.00 32.00
CA LYS A 490 8.86 7.94 31.21
C LYS A 490 8.98 8.36 29.73
N SER A 491 7.93 8.99 29.19
CA SER A 491 7.97 9.43 27.83
C SER A 491 9.08 10.47 27.62
N LYS A 492 9.21 11.40 28.52
CA LYS A 492 10.19 12.41 28.36
C LYS A 492 11.60 11.78 28.46
N GLU A 493 11.81 10.86 29.40
CA GLU A 493 13.09 10.16 29.55
C GLU A 493 13.43 9.41 28.25
N ALA A 494 12.39 8.83 27.62
CA ALA A 494 12.61 8.12 26.32
C ALA A 494 13.01 9.06 25.20
N VAL A 495 12.36 10.23 25.10
CA VAL A 495 12.77 11.21 24.09
C VAL A 495 14.18 11.77 24.31
N GLU A 496 14.51 12.09 25.57
CA GLU A 496 15.85 12.56 25.89
C GLU A 496 16.92 11.51 25.53
N SER A 497 16.65 10.27 25.92
CA SER A 497 17.66 9.25 25.68
C SER A 497 17.84 9.02 24.14
N ALA A 498 16.75 9.02 23.37
CA ALA A 498 16.86 8.95 21.90
C ALA A 498 17.61 10.12 21.27
N LEU A 499 17.38 11.33 21.77
CA LEU A 499 18.04 12.49 21.17
C LEU A 499 19.56 12.48 21.50
N LYS A 500 19.91 12.03 22.69
CA LYS A 500 21.32 11.98 23.13
C LYS A 500 22.02 10.94 22.26
N GLN A 501 21.35 9.82 21.98
CA GLN A 501 22.00 8.74 21.23
C GLN A 501 22.13 9.23 19.78
N LEU A 502 21.09 9.84 19.25
CA LEU A 502 21.27 10.48 17.95
C LEU A 502 22.45 11.45 17.84
N GLN A 503 22.54 12.33 18.82
CA GLN A 503 23.58 13.34 18.74
C GLN A 503 24.96 12.69 18.83
N LYS A 504 25.09 11.70 19.69
CA LYS A 504 26.39 11.03 19.85
C LYS A 504 26.78 10.35 18.52
N LEU A 505 25.84 9.64 17.88
CA LEU A 505 26.14 8.97 16.57
C LEU A 505 26.55 9.96 15.44
N LEU A 506 25.88 11.09 15.36
CA LEU A 506 26.21 12.05 14.33
C LEU A 506 27.50 12.81 14.58
N VAL A 507 27.87 13.02 15.85
CA VAL A 507 29.15 13.56 16.18
C VAL A 507 30.18 12.51 15.78
N LYS A 508 29.93 11.26 16.18
CA LYS A 508 30.91 10.21 15.93
C LYS A 508 31.06 10.09 14.39
N ALA A 509 29.96 10.13 13.64
CA ALA A 509 30.01 10.08 12.17
C ALA A 509 30.78 11.25 11.53
N SER A 510 30.81 12.40 12.16
CA SER A 510 31.48 13.57 11.60
C SER A 510 32.98 13.67 11.97
N ASP A 511 33.47 12.75 12.81
CA ASP A 511 34.88 12.72 13.28
C ASP A 511 35.73 12.64 12.03
N SER A 512 36.60 13.64 11.84
CA SER A 512 37.45 13.75 10.68
C SER A 512 38.28 12.46 10.46
N ALA A 513 38.73 11.83 11.56
CA ALA A 513 39.47 10.56 11.52
C ALA A 513 38.88 9.43 10.69
N ILE A 514 37.56 9.32 10.67
CA ILE A 514 36.91 8.12 10.15
C ILE A 514 36.13 8.37 8.84
N GLN A 515 36.42 9.49 8.17
CA GLN A 515 35.73 9.83 6.90
C GLN A 515 35.84 8.69 5.85
N GLY A 516 36.97 7.98 5.88
CA GLY A 516 37.25 6.90 4.95
C GLY A 516 36.41 5.65 5.11
N GLU A 517 35.98 5.30 6.32
CA GLU A 517 35.21 4.06 6.51
C GLU A 517 33.76 4.40 6.88
N THR A 518 33.24 5.57 6.48
CA THR A 518 31.88 6.03 6.91
C THR A 518 30.99 6.50 5.77
N ARG A 519 29.72 6.07 5.71
CA ARG A 519 28.80 6.48 4.67
C ARG A 519 27.51 6.92 5.28
N ILE A 520 27.41 8.19 5.58
CA ILE A 520 26.18 8.70 6.13
C ILE A 520 24.98 8.69 5.18
N ASP A 521 25.20 8.92 3.89
CA ASP A 521 24.16 8.73 2.92
C ASP A 521 23.41 7.40 3.05
N SER A 522 24.11 6.30 3.29
CA SER A 522 23.47 4.98 3.52
C SER A 522 22.38 4.89 4.58
N VAL A 523 22.55 5.66 5.68
CA VAL A 523 21.59 5.66 6.74
C VAL A 523 20.80 6.93 6.76
N ALA A 524 20.72 7.65 5.67
CA ALA A 524 19.91 8.83 5.65
C ALA A 524 18.46 8.68 6.04
N ARG A 525 17.80 7.66 5.50
CA ARG A 525 16.43 7.48 5.86
C ARG A 525 16.27 7.22 7.38
N HIS A 526 17.15 6.42 7.94
CA HIS A 526 17.14 6.12 9.38
C HIS A 526 17.32 7.36 10.27
N ILE A 527 18.23 8.20 9.84
CA ILE A 527 18.47 9.49 10.46
C ILE A 527 17.20 10.37 10.35
N ALA A 528 16.61 10.54 9.16
CA ALA A 528 15.42 11.33 9.01
C ALA A 528 14.24 10.82 9.85
N PHE A 529 14.05 9.50 9.87
CA PHE A 529 13.00 8.87 10.64
C PHE A 529 13.16 9.12 12.15
N THR A 530 14.40 9.06 12.62
CA THR A 530 14.68 9.26 14.00
C THR A 530 14.36 10.76 14.40
N ILE A 531 14.70 11.71 13.56
CA ILE A 531 14.29 13.11 13.74
C ILE A 531 12.81 13.24 13.83
N ALA A 532 12.11 12.64 12.88
CA ALA A 532 10.67 12.73 12.86
C ALA A 532 10.07 12.25 14.16
N ARG A 533 10.56 11.09 14.64
CA ARG A 533 9.94 10.48 15.82
C ARG A 533 10.25 11.18 17.12
N ILE A 534 11.47 11.67 17.26
CA ILE A 534 11.85 12.46 18.43
C ILE A 534 11.04 13.76 18.49
N TYR A 535 10.99 14.44 17.36
CA TYR A 535 10.25 15.68 17.28
C TYR A 535 8.75 15.43 17.58
N SER A 536 8.15 14.42 16.97
CA SER A 536 6.73 14.17 17.09
C SER A 536 6.45 13.74 18.55
N GLY A 537 7.36 12.95 19.13
CA GLY A 537 7.15 12.51 20.47
C GLY A 537 7.19 13.69 21.44
N ALA A 538 8.14 14.59 21.27
CA ALA A 538 8.25 15.75 22.14
C ALA A 538 6.97 16.63 22.00
N LEU A 539 6.46 16.75 20.80
CA LEU A 539 5.23 17.53 20.56
C LEU A 539 4.05 16.84 21.22
N LEU A 540 4.01 15.50 21.20
CA LEU A 540 2.87 14.79 21.82
C LEU A 540 2.90 14.96 23.36
N ILE A 541 4.10 14.98 23.90
CA ILE A 541 4.28 15.17 25.33
C ILE A 541 3.81 16.58 25.78
N ASP A 542 4.20 17.62 25.04
CA ASP A 542 3.81 18.99 25.28
C ASP A 542 2.32 19.13 25.22
N HIS A 543 1.74 18.55 24.18
CA HIS A 543 0.31 18.59 23.99
C HIS A 543 -0.40 17.95 25.19
N ALA A 544 0.03 16.75 25.56
CA ALA A 544 -0.51 16.02 26.72
C ALA A 544 -0.30 16.68 28.05
N SER A 545 0.71 17.56 28.09
CA SER A 545 1.06 18.25 29.30
C SER A 545 0.33 19.58 29.52
N ASP A 546 -0.52 19.94 28.61
CA ASP A 546 -1.23 21.20 28.68
C ASP A 546 -2.58 20.91 29.30
N SER A 547 -2.69 21.22 30.56
CA SER A 547 -3.88 20.92 31.37
C SER A 547 -5.12 21.63 30.91
N SER A 548 -5.00 22.70 30.15
CA SER A 548 -6.12 23.48 29.74
C SER A 548 -6.86 22.73 28.62
N VAL A 549 -6.22 21.84 27.86
CA VAL A 549 -6.91 21.11 26.80
C VAL A 549 -6.77 19.60 26.78
N ALA A 550 -5.68 19.06 27.35
CA ALA A 550 -5.36 17.63 27.14
C ALA A 550 -6.41 16.79 27.81
N ASN A 551 -6.71 15.67 27.23
CA ASN A 551 -7.46 14.61 27.93
C ASN A 551 -6.61 13.38 28.19
N GLN A 552 -7.22 12.38 28.80
CA GLN A 552 -6.48 11.18 29.18
C GLN A 552 -5.98 10.46 27.88
N SER A 553 -6.71 10.54 26.78
CA SER A 553 -6.25 9.96 25.48
C SER A 553 -4.87 10.55 25.13
N ASP A 554 -4.71 11.85 25.33
CA ASP A 554 -3.49 12.52 24.93
C ASP A 554 -2.27 12.00 25.66
N ILE A 555 -2.42 11.73 26.96
CA ILE A 555 -1.36 11.16 27.78
C ILE A 555 -1.00 9.74 27.35
N GLU A 556 -2.02 8.94 27.08
CA GLU A 556 -1.79 7.60 26.73
C GLU A 556 -1.11 7.51 25.35
N VAL A 557 -1.56 8.35 24.44
CA VAL A 557 -0.91 8.47 23.10
C VAL A 557 0.57 8.89 23.15
N ALA A 558 0.85 9.91 23.96
CA ALA A 558 2.27 10.33 24.17
C ALA A 558 3.10 9.19 24.70
N TYR A 559 2.59 8.46 25.71
CA TYR A 559 3.26 7.33 26.28
C TYR A 559 3.54 6.25 25.25
N ARG A 560 2.50 5.84 24.51
CA ARG A 560 2.63 4.78 23.47
C ARG A 560 3.60 5.16 22.38
N TYR A 561 3.51 6.40 21.94
CA TYR A 561 4.34 6.84 20.86
C TYR A 561 5.80 6.82 21.23
N CYS A 562 6.07 7.27 22.45
CA CYS A 562 7.43 7.49 22.94
C CYS A 562 8.00 6.21 23.50
N CYS A 563 7.16 5.38 24.08
CA CYS A 563 7.71 4.27 24.93
C CYS A 563 7.40 2.86 24.36
N GLU A 564 6.45 2.74 23.49
CA GLU A 564 6.10 1.42 22.92
C GLU A 564 6.56 1.15 21.47
N GLN A 565 7.31 2.09 20.89
CA GLN A 565 8.02 1.88 19.63
C GLN A 565 9.38 2.57 19.75
N PRO A 566 10.41 2.06 19.03
CA PRO A 566 11.69 2.75 19.13
C PRO A 566 11.60 4.14 18.50
N LEU A 567 12.12 5.14 19.20
CA LEU A 567 12.21 6.50 18.66
C LEU A 567 13.43 6.60 17.78
N ILE A 568 14.48 5.96 18.22
CA ILE A 568 15.70 5.92 17.40
C ILE A 568 15.89 4.45 16.98
N ASP A 569 16.08 4.19 15.66
CA ASP A 569 16.47 2.88 15.17
C ASP A 569 17.62 3.11 14.21
N LEU A 570 18.83 3.09 14.75
CA LEU A 570 20.03 3.54 14.06
C LEU A 570 21.26 3.07 14.84
N ARG A 571 22.16 2.30 14.23
CA ARG A 571 23.29 1.73 14.96
C ARG A 571 24.53 2.18 14.29
N TRP A 572 25.54 2.37 15.06
CA TRP A 572 26.81 2.87 14.56
C TRP A 572 27.37 2.01 13.42
N GLU A 573 27.29 0.69 13.58
CA GLU A 573 27.75 -0.23 12.51
C GLU A 573 27.04 -0.07 11.15
N TRP A 574 25.84 0.54 11.10
CA TRP A 574 25.16 0.81 9.84
C TRP A 574 25.75 1.95 9.07
N PHE A 575 26.63 2.73 9.69
CA PHE A 575 27.34 3.82 9.00
C PHE A 575 28.58 3.31 8.24
N ALA A 576 29.01 2.09 8.50
CA ALA A 576 30.30 1.60 7.98
C ALA A 576 30.32 1.45 6.50
N SER A 577 31.38 1.91 5.87
CA SER A 577 31.54 1.76 4.41
C SER A 577 31.48 0.29 3.91
N GLU A 578 32.00 -0.60 4.71
CA GLU A 578 32.03 -2.02 4.38
C GLU A 578 30.63 -2.63 4.29
N ARG A 579 29.68 -2.03 5.01
CA ARG A 579 28.31 -2.49 5.09
C ARG A 579 27.75 -2.42 3.71
N VAL A 580 28.11 -1.39 2.94
CA VAL A 580 27.65 -1.26 1.56
C VAL A 580 27.96 -2.46 0.70
N LYS A 581 29.18 -2.95 0.73
CA LYS A 581 29.53 -4.06 -0.14
C LYS A 581 28.68 -5.25 0.23
N ALA A 582 28.42 -5.44 1.51
CA ALA A 582 27.52 -6.48 1.97
C ALA A 582 26.05 -6.27 1.50
N ASP A 583 25.56 -5.04 1.49
CA ASP A 583 24.22 -4.74 0.96
C ASP A 583 24.18 -5.11 -0.51
N ARG A 584 25.23 -4.78 -1.25
CA ARG A 584 25.22 -5.06 -2.69
C ARG A 584 25.20 -6.57 -3.00
N GLU A 585 25.85 -7.35 -2.17
CA GLU A 585 25.87 -8.77 -2.36
C GLU A 585 24.55 -9.41 -2.06
N ILE A 586 23.87 -8.89 -1.06
CA ILE A 586 22.47 -9.27 -0.78
C ILE A 586 21.55 -8.96 -1.95
N VAL A 587 21.53 -7.73 -2.44
CA VAL A 587 20.63 -7.30 -3.48
C VAL A 587 20.82 -8.02 -4.83
N PHE A 588 22.07 -8.15 -5.23
CA PHE A 588 22.41 -8.63 -6.56
C PHE A 588 22.76 -10.11 -6.65
N ASP A 589 22.54 -10.86 -5.58
CA ASP A 589 22.76 -12.32 -5.58
C ASP A 589 21.98 -13.01 -6.72
N ASN A 590 22.71 -13.67 -7.61
CA ASN A 590 22.17 -14.39 -8.76
C ASN A 590 21.59 -13.44 -9.80
N PHE A 591 21.98 -12.16 -9.77
CA PHE A 591 21.50 -11.20 -10.78
C PHE A 591 21.95 -11.54 -12.22
N THR A 592 21.02 -11.48 -13.19
CA THR A 592 21.43 -11.74 -14.59
C THR A 592 21.38 -10.49 -15.48
N THR B 1 3.61 24.16 -62.80
CA THR B 1 4.53 23.54 -61.80
C THR B 1 4.66 24.39 -60.53
N ILE B 2 4.96 23.78 -59.41
CA ILE B 2 4.99 24.46 -58.12
C ILE B 2 6.21 24.02 -57.33
N THR B 3 6.52 24.82 -56.29
CA THR B 3 7.45 24.41 -55.26
C THR B 3 6.89 23.18 -54.55
N ALA B 4 7.66 22.11 -54.53
CA ALA B 4 7.28 20.91 -53.81
C ALA B 4 7.11 21.20 -52.34
N ARG B 5 6.29 20.41 -51.65
CA ARG B 5 5.93 20.67 -50.25
C ARG B 5 6.29 19.54 -49.31
N HIS B 6 7.30 18.76 -49.68
CA HIS B 6 7.76 17.62 -48.84
C HIS B 6 8.21 18.13 -47.47
N THR B 7 8.85 19.31 -47.43
CA THR B 7 9.30 19.80 -46.13
C THR B 7 8.11 20.08 -45.15
N GLN B 8 6.88 20.20 -45.67
CA GLN B 8 5.67 20.46 -44.86
C GLN B 8 5.03 19.25 -44.24
N TYR B 9 5.63 18.09 -44.43
CA TYR B 9 5.13 16.91 -43.79
C TYR B 9 6.22 16.28 -42.95
N SER B 10 6.04 16.28 -41.65
CA SER B 10 7.17 16.07 -40.79
C SER B 10 6.76 15.61 -39.46
N HIS B 11 7.28 14.46 -39.01
CA HIS B 11 7.02 14.00 -37.71
C HIS B 11 7.55 14.92 -36.63
N ALA B 12 6.88 14.91 -35.50
CA ALA B 12 7.33 15.67 -34.32
C ALA B 12 8.74 15.20 -33.83
N LYS B 13 9.53 16.18 -33.38
CA LYS B 13 10.79 15.93 -32.67
C LYS B 13 10.57 16.09 -31.19
N THR B 14 11.00 15.08 -30.44
CA THR B 14 10.74 15.01 -29.02
C THR B 14 11.98 14.84 -28.11
N GLY B 15 13.12 15.27 -28.64
CA GLY B 15 14.38 15.28 -27.86
C GLY B 15 15.30 14.08 -28.08
N GLY B 16 14.75 12.91 -28.39
CA GLY B 16 15.60 11.75 -28.74
C GLY B 16 15.89 10.78 -27.58
N PHE B 17 15.53 11.13 -26.37
CA PHE B 17 15.74 10.22 -25.23
C PHE B 17 14.47 9.51 -24.84
N SER B 18 14.58 8.22 -24.57
CA SER B 18 13.60 7.60 -23.69
C SER B 18 14.29 6.52 -22.82
N GLN B 19 13.76 6.34 -21.63
CA GLN B 19 14.28 5.43 -20.58
C GLN B 19 13.94 4.00 -20.86
N THR B 20 14.94 3.12 -20.78
CA THR B 20 14.69 1.65 -20.86
C THR B 20 14.04 1.16 -19.57
N GLY B 21 12.96 0.43 -19.69
CA GLY B 21 12.29 -0.19 -18.61
C GLY B 21 12.96 -1.41 -18.04
N PRO B 22 12.41 -1.96 -16.96
CA PRO B 22 13.04 -3.14 -16.38
C PRO B 22 12.83 -4.38 -17.22
N THR B 23 13.73 -5.32 -17.09
CA THR B 23 13.67 -6.62 -17.76
C THR B 23 13.35 -7.72 -16.75
N LEU B 24 12.40 -8.60 -17.11
CA LEU B 24 12.06 -9.78 -16.34
C LEU B 24 12.95 -10.90 -16.81
N HIS B 25 13.77 -11.33 -15.88
CA HIS B 25 14.67 -12.43 -16.18
C HIS B 25 14.01 -13.75 -15.75
N ASN B 26 14.52 -14.88 -16.29
CA ASN B 26 14.04 -16.23 -15.91
C ASN B 26 13.95 -16.28 -14.39
N PRO B 27 12.74 -16.41 -13.80
CA PRO B 27 12.61 -16.28 -12.38
C PRO B 27 13.16 -17.45 -11.54
N TYR B 28 13.44 -18.57 -12.14
CA TYR B 28 14.06 -19.66 -11.44
C TYR B 28 15.54 -19.31 -11.36
N LYS B 29 16.17 -19.02 -12.48
CA LYS B 29 17.61 -18.73 -12.51
C LYS B 29 18.00 -17.48 -11.75
N ASP B 30 17.12 -16.47 -11.79
CA ASP B 30 17.41 -15.16 -11.28
C ASP B 30 17.11 -15.10 -9.82
N ASP B 31 16.36 -16.08 -9.27
CA ASP B 31 15.95 -15.97 -7.86
C ASP B 31 17.22 -16.11 -6.96
N PRO B 32 17.37 -15.20 -5.98
CA PRO B 32 18.45 -15.27 -4.99
C PRO B 32 18.57 -16.56 -4.23
N ILE B 33 17.48 -17.16 -3.77
CA ILE B 33 17.57 -18.32 -2.92
C ILE B 33 16.80 -19.58 -3.25
N LEU B 34 15.88 -19.52 -4.21
CA LEU B 34 15.10 -20.70 -4.59
C LEU B 34 15.89 -21.96 -4.93
N ASP B 35 16.85 -21.84 -5.86
CA ASP B 35 17.61 -22.99 -6.26
C ASP B 35 18.46 -23.52 -5.08
N ARG B 36 19.14 -22.64 -4.33
CA ARG B 36 19.92 -23.07 -3.14
C ARG B 36 19.05 -23.82 -2.14
N THR B 37 17.81 -23.38 -1.96
CA THR B 37 16.87 -23.96 -1.01
C THR B 37 16.40 -25.32 -1.46
N LEU B 38 16.10 -25.47 -2.75
CA LEU B 38 15.74 -26.78 -3.31
C LEU B 38 16.87 -27.82 -3.22
N ARG B 39 18.09 -27.37 -3.51
CA ARG B 39 19.27 -28.22 -3.29
C ARG B 39 19.36 -28.80 -1.87
N ARG B 40 18.99 -28.03 -0.85
CA ARG B 40 19.05 -28.50 0.53
C ARG B 40 17.94 -29.42 0.89
N LEU B 41 16.75 -29.12 0.41
CA LEU B 41 15.54 -29.84 0.85
C LEU B 41 15.28 -31.13 0.11
N LEU B 42 15.70 -31.22 -1.14
CA LEU B 42 15.42 -32.36 -1.96
C LEU B 42 16.62 -33.30 -2.09
N PRO B 43 16.34 -34.59 -2.16
CA PRO B 43 17.36 -35.61 -2.49
C PRO B 43 17.99 -35.30 -3.85
N GLU B 44 19.27 -35.65 -4.06
CA GLU B 44 20.13 -35.07 -5.16
C GLU B 44 19.57 -35.38 -6.52
N SER B 45 19.00 -36.58 -6.57
CA SER B 45 18.34 -37.13 -7.70
C SER B 45 17.09 -36.32 -8.08
N GLU B 46 16.26 -36.04 -7.08
CA GLU B 46 14.99 -35.40 -7.36
C GLU B 46 15.31 -33.97 -7.68
N TYR B 47 16.32 -33.43 -7.02
CA TYR B 47 16.76 -32.09 -7.27
C TYR B 47 16.94 -31.79 -8.75
N MET B 48 17.61 -32.68 -9.48
CA MET B 48 17.90 -32.45 -10.91
C MET B 48 16.66 -32.40 -11.73
N ARG B 49 15.76 -33.32 -11.49
CA ARG B 49 14.54 -33.37 -12.25
C ARG B 49 13.73 -32.12 -12.00
N VAL B 50 13.65 -31.72 -10.74
CA VAL B 50 12.81 -30.63 -10.36
C VAL B 50 13.36 -29.33 -10.86
N ALA B 51 14.66 -29.13 -10.75
CA ALA B 51 15.25 -27.90 -11.21
C ALA B 51 15.18 -27.78 -12.71
N ALA B 52 15.34 -28.88 -13.45
CA ALA B 52 15.20 -28.76 -14.91
C ALA B 52 13.77 -28.36 -15.29
N ASP B 53 12.77 -28.92 -14.62
CA ASP B 53 11.40 -28.51 -14.92
C ASP B 53 11.16 -27.02 -14.65
N LEU B 54 11.64 -26.53 -13.51
CA LEU B 54 11.41 -25.19 -13.10
C LEU B 54 12.17 -24.20 -13.94
N SER B 55 13.40 -24.54 -14.30
CA SER B 55 14.18 -23.68 -15.14
C SER B 55 13.54 -23.51 -16.54
N LYS B 56 13.03 -24.61 -17.11
CA LYS B 56 12.33 -24.59 -18.39
C LYS B 56 11.07 -23.77 -18.25
N PHE B 57 10.32 -23.97 -17.15
CA PHE B 57 9.14 -23.17 -16.92
C PHE B 57 9.42 -21.70 -16.80
N GLY B 58 10.53 -21.35 -16.17
CA GLY B 58 10.97 -19.98 -16.11
C GLY B 58 11.15 -19.31 -17.44
N ASP B 59 11.62 -20.03 -18.45
CA ASP B 59 11.71 -19.46 -19.79
C ASP B 59 10.34 -19.35 -20.43
N ARG B 60 9.45 -20.24 -20.06
CA ARG B 60 8.07 -20.10 -20.51
C ARG B 60 7.39 -18.90 -19.90
N ILE B 61 7.73 -18.57 -18.65
CA ILE B 61 7.20 -17.41 -17.99
C ILE B 61 7.62 -16.15 -18.79
N THR B 62 8.90 -16.01 -19.12
CA THR B 62 9.38 -14.80 -19.74
C THR B 62 8.92 -14.73 -21.21
N SER B 63 8.89 -15.85 -21.87
CA SER B 63 8.55 -15.88 -23.28
C SER B 63 7.05 -15.86 -23.55
N GLU B 64 6.20 -16.33 -22.62
CA GLU B 64 4.76 -16.54 -22.89
C GLU B 64 3.83 -16.12 -21.76
N VAL B 65 4.05 -16.60 -20.55
CA VAL B 65 3.04 -16.47 -19.51
C VAL B 65 2.92 -15.03 -19.11
N GLU B 66 4.04 -14.34 -18.86
CA GLU B 66 3.96 -12.94 -18.48
C GLU B 66 3.00 -12.10 -19.41
N HIS B 67 3.12 -12.26 -20.72
CA HIS B 67 2.35 -11.48 -21.70
C HIS B 67 0.92 -11.86 -21.59
N LEU B 68 0.68 -13.18 -21.44
CA LEU B 68 -0.71 -13.64 -21.25
C LEU B 68 -1.36 -13.03 -20.04
N GLY B 69 -0.63 -13.07 -18.90
CA GLY B 69 -1.17 -12.46 -17.65
C GLY B 69 -1.46 -10.97 -17.76
N ARG B 70 -0.58 -10.28 -18.46
CA ARG B 70 -0.80 -8.86 -18.80
C ARG B 70 -2.02 -8.61 -19.62
N GLN B 71 -2.21 -9.40 -20.66
CA GLN B 71 -3.44 -9.33 -21.45
C GLN B 71 -4.72 -9.53 -20.67
N ALA B 72 -4.69 -10.44 -19.67
CA ALA B 72 -5.86 -10.72 -18.86
C ALA B 72 -6.25 -9.54 -17.99
N GLU B 73 -5.33 -8.67 -17.71
CA GLU B 73 -5.64 -7.42 -17.04
C GLU B 73 -6.17 -6.34 -18.01
N LEU B 74 -5.63 -6.33 -19.23
CA LEU B 74 -6.04 -5.35 -20.23
C LEU B 74 -7.38 -5.62 -20.84
N GLU B 75 -7.86 -6.84 -20.78
CA GLU B 75 -9.19 -7.21 -21.31
C GLU B 75 -9.95 -7.95 -20.22
N GLN B 76 -10.54 -7.18 -19.33
CA GLN B 76 -11.15 -7.73 -18.15
C GLN B 76 -12.49 -8.37 -18.41
N PRO B 77 -12.91 -9.28 -17.56
CA PRO B 77 -14.16 -10.00 -17.77
C PRO B 77 -15.39 -9.10 -17.76
N ARG B 78 -16.39 -9.51 -18.49
CA ARG B 78 -17.67 -8.83 -18.52
C ARG B 78 -18.78 -9.83 -18.42
N LEU B 79 -19.95 -9.35 -17.98
CA LEU B 79 -21.14 -10.14 -17.75
C LEU B 79 -22.32 -9.53 -18.48
N GLU B 80 -23.04 -10.33 -19.26
CA GLU B 80 -24.30 -9.91 -19.89
C GLU B 80 -25.41 -10.74 -19.42
N HIS B 81 -26.34 -10.10 -18.74
CA HIS B 81 -27.46 -10.80 -18.15
C HIS B 81 -28.34 -11.44 -19.20
N GLN B 82 -28.72 -10.66 -20.20
CA GLN B 82 -29.72 -11.05 -21.18
C GLN B 82 -29.05 -11.11 -22.56
N ASP B 83 -29.65 -11.91 -23.43
CA ASP B 83 -29.34 -11.89 -24.84
C ASP B 83 -30.15 -10.75 -25.46
N ALA B 84 -30.22 -10.64 -26.78
CA ALA B 84 -30.82 -9.48 -27.37
C ALA B 84 -32.31 -9.61 -27.54
N TRP B 85 -32.84 -10.79 -27.21
CA TRP B 85 -34.20 -11.18 -27.47
C TRP B 85 -35.05 -11.47 -26.19
N GLY B 86 -34.53 -11.04 -25.07
CA GLY B 86 -35.22 -11.14 -23.77
C GLY B 86 -35.07 -12.45 -22.96
N LYS B 87 -34.04 -13.19 -23.24
CA LYS B 87 -33.75 -14.42 -22.52
C LYS B 87 -32.64 -14.18 -21.59
N ARG B 88 -32.79 -14.63 -20.37
CA ARG B 88 -31.75 -14.48 -19.40
C ARG B 88 -30.66 -15.55 -19.67
N VAL B 89 -29.43 -15.14 -19.85
CA VAL B 89 -28.34 -16.03 -20.25
C VAL B 89 -27.13 -16.00 -19.36
N ASP B 90 -26.91 -14.92 -18.59
CA ASP B 90 -25.78 -14.85 -17.68
C ASP B 90 -24.47 -15.17 -18.45
N LYS B 91 -24.23 -14.48 -19.52
CA LYS B 91 -23.07 -14.81 -20.33
C LYS B 91 -21.83 -14.12 -19.75
N LEU B 92 -20.83 -14.92 -19.38
CA LEU B 92 -19.57 -14.37 -18.89
C LEU B 92 -18.62 -14.32 -20.06
N ILE B 93 -18.07 -13.14 -20.33
CA ILE B 93 -17.16 -12.92 -21.41
C ILE B 93 -15.77 -12.74 -20.85
N VAL B 94 -14.90 -13.71 -21.09
CA VAL B 94 -13.52 -13.62 -20.56
C VAL B 94 -12.54 -13.73 -21.72
N CYS B 95 -11.41 -13.09 -21.61
CA CYS B 95 -10.46 -13.03 -22.71
C CYS B 95 -9.88 -14.42 -23.01
N ASN B 96 -9.40 -14.57 -24.24
CA ASN B 96 -8.80 -15.80 -24.66
C ASN B 96 -7.58 -16.13 -23.81
N GLU B 97 -6.87 -15.12 -23.39
CA GLU B 97 -5.65 -15.35 -22.62
C GLU B 97 -5.89 -15.99 -21.17
N TRP B 98 -7.00 -15.65 -20.51
CA TRP B 98 -7.41 -16.25 -19.29
C TRP B 98 -7.53 -17.80 -19.53
N HIS B 99 -8.26 -18.17 -20.56
CA HIS B 99 -8.42 -19.55 -20.89
C HIS B 99 -7.07 -20.22 -21.18
N LYS B 100 -6.21 -19.57 -21.93
CA LYS B 100 -4.90 -20.09 -22.28
C LYS B 100 -4.05 -20.33 -21.05
N LEU B 101 -4.11 -19.42 -20.11
CA LEU B 101 -3.40 -19.61 -18.82
C LEU B 101 -3.87 -20.86 -18.06
N LYS B 102 -5.18 -21.08 -18.02
CA LYS B 102 -5.71 -22.29 -17.38
C LYS B 102 -5.22 -23.54 -18.06
N GLN B 103 -5.19 -23.53 -19.37
CA GLN B 103 -4.64 -24.63 -20.12
C GLN B 103 -3.21 -24.93 -19.84
N ILE B 104 -2.41 -23.89 -19.78
CA ILE B 104 -1.00 -24.00 -19.43
C ILE B 104 -0.83 -24.61 -18.02
N CYS B 105 -1.65 -24.18 -17.07
CA CYS B 105 -1.65 -24.78 -15.72
C CYS B 105 -1.85 -26.28 -15.73
N ALA B 106 -2.81 -26.74 -16.54
CA ALA B 106 -3.02 -28.17 -16.73
C ALA B 106 -1.78 -28.84 -17.35
N GLU B 107 -1.35 -28.35 -18.50
CA GLU B 107 -0.21 -28.91 -19.25
C GLU B 107 1.03 -29.02 -18.32
N GLU B 108 1.26 -27.96 -17.59
CA GLU B 108 2.42 -27.82 -16.67
C GLU B 108 2.27 -28.53 -15.32
N GLY B 109 1.10 -29.09 -15.06
CA GLY B 109 0.83 -29.83 -13.83
C GLY B 109 0.92 -29.00 -12.60
N VAL B 110 0.53 -27.71 -12.68
CA VAL B 110 0.53 -26.91 -11.52
C VAL B 110 -0.31 -27.48 -10.36
N ILE B 111 -1.38 -28.20 -10.69
CA ILE B 111 -2.13 -29.02 -9.73
C ILE B 111 -1.56 -30.45 -9.69
N SER B 112 -1.38 -31.08 -10.85
CA SER B 112 -1.02 -32.48 -10.90
C SER B 112 0.20 -32.84 -10.12
N ILE B 113 1.22 -32.02 -10.24
CA ILE B 113 2.49 -32.29 -9.57
C ILE B 113 2.23 -32.53 -8.07
N GLY B 114 1.35 -31.77 -7.44
CA GLY B 114 1.07 -31.93 -6.02
C GLY B 114 0.52 -33.26 -5.58
N TYR B 115 -0.03 -34.03 -6.53
CA TYR B 115 -0.70 -35.30 -6.27
C TYR B 115 -0.16 -36.50 -7.06
N GLU B 116 0.92 -36.33 -7.82
CA GLU B 116 1.44 -37.38 -8.71
C GLU B 116 1.88 -38.60 -7.85
N ASP B 117 1.13 -39.66 -7.95
CA ASP B 117 1.33 -40.93 -7.17
C ASP B 117 2.75 -41.54 -7.23
N SER B 118 3.41 -41.53 -8.39
CA SER B 118 4.79 -42.08 -8.49
C SER B 118 5.86 -41.25 -7.79
N VAL B 119 5.52 -40.07 -7.27
CA VAL B 119 6.52 -39.22 -6.66
C VAL B 119 6.22 -39.12 -5.19
N ASP B 120 7.28 -39.17 -4.39
CA ASP B 120 7.23 -38.97 -2.96
C ASP B 120 6.48 -37.65 -2.54
N PRO B 121 5.45 -37.75 -1.68
CA PRO B 121 4.69 -36.51 -1.38
C PRO B 121 5.49 -35.32 -0.88
N PHE B 122 6.57 -35.56 -0.14
CA PHE B 122 7.35 -34.42 0.38
C PHE B 122 8.02 -33.71 -0.81
N VAL B 123 8.46 -34.50 -1.80
CA VAL B 123 9.13 -33.93 -2.96
C VAL B 123 8.13 -33.12 -3.78
N ARG B 124 7.00 -33.74 -4.06
CA ARG B 124 6.12 -33.14 -4.98
C ARG B 124 5.48 -31.86 -4.48
N ARG B 125 5.34 -31.66 -3.16
CA ARG B 125 4.77 -30.44 -2.69
C ARG B 125 5.82 -29.34 -2.78
N ILE B 126 7.08 -29.72 -2.59
CA ILE B 126 8.16 -28.74 -2.74
C ILE B 126 8.23 -28.31 -4.20
N HIS B 127 8.20 -29.27 -5.11
CA HIS B 127 8.24 -28.99 -6.52
C HIS B 127 7.04 -28.06 -6.87
N GLN B 128 5.85 -28.44 -6.43
CA GLN B 128 4.63 -27.74 -6.72
C GLN B 128 4.63 -26.37 -6.21
N VAL B 129 5.01 -26.20 -4.94
CA VAL B 129 5.10 -24.87 -4.38
C VAL B 129 6.09 -23.93 -5.11
N ALA B 130 7.25 -24.45 -5.50
CA ALA B 130 8.23 -23.66 -6.29
C ALA B 130 7.66 -23.24 -7.65
N LYS B 131 6.92 -24.16 -8.27
CA LYS B 131 6.34 -23.89 -9.58
C LYS B 131 5.26 -22.81 -9.48
N LEU B 132 4.41 -22.92 -8.46
CA LEU B 132 3.41 -21.93 -8.15
C LEU B 132 4.03 -20.57 -7.85
N PHE B 133 5.16 -20.60 -7.17
CA PHE B 133 5.88 -19.38 -6.87
C PHE B 133 6.42 -18.66 -8.15
N LEU B 134 6.90 -19.43 -9.12
CA LEU B 134 7.30 -18.85 -10.40
C LEU B 134 6.06 -18.34 -11.20
N PHE B 135 4.94 -19.07 -11.10
CA PHE B 135 3.74 -18.75 -11.89
C PHE B 135 3.06 -17.50 -11.37
N SER B 136 2.94 -17.40 -10.04
CA SER B 136 1.96 -16.48 -9.42
C SER B 136 2.02 -15.00 -9.89
N PRO B 137 3.21 -14.35 -9.93
CA PRO B 137 3.23 -12.97 -10.34
C PRO B 137 3.06 -12.76 -11.85
N SER B 138 3.12 -13.80 -12.65
CA SER B 138 2.73 -13.70 -14.03
C SER B 138 1.40 -14.28 -14.45
N ALA B 139 0.60 -14.73 -13.48
CA ALA B 139 -0.51 -15.60 -13.75
C ALA B 139 -1.76 -14.90 -14.19
N GLY B 140 -1.76 -13.58 -14.15
CA GLY B 140 -3.00 -12.86 -14.42
C GLY B 140 -4.12 -13.30 -13.49
N LEU B 141 -3.76 -13.63 -12.26
CA LEU B 141 -4.64 -14.15 -11.26
C LEU B 141 -5.28 -15.51 -11.48
N VAL B 142 -4.78 -16.24 -12.47
CA VAL B 142 -5.08 -17.66 -12.59
C VAL B 142 -4.58 -18.46 -11.37
N SER B 143 -3.66 -17.88 -10.62
CA SER B 143 -3.33 -18.36 -9.32
C SER B 143 -4.51 -18.60 -8.43
N CYS B 144 -5.57 -17.78 -8.50
CA CYS B 144 -6.71 -17.96 -7.63
C CYS B 144 -7.50 -19.26 -7.88
N PRO B 145 -7.95 -19.50 -9.09
CA PRO B 145 -8.57 -20.80 -9.31
C PRO B 145 -7.59 -21.96 -9.11
N MET B 146 -6.27 -21.78 -9.34
CA MET B 146 -5.36 -22.90 -9.05
C MET B 146 -5.38 -23.23 -7.52
N ALA B 147 -5.43 -22.20 -6.69
CA ALA B 147 -5.50 -22.41 -5.23
C ALA B 147 -6.73 -23.22 -4.84
N MET B 148 -7.86 -22.78 -5.33
CA MET B 148 -9.12 -23.36 -5.02
C MET B 148 -9.24 -24.77 -5.59
N THR B 149 -8.59 -25.01 -6.73
CA THR B 149 -8.62 -26.31 -7.39
C THR B 149 -7.83 -27.31 -6.52
N ASP B 150 -6.67 -26.89 -6.05
CA ASP B 150 -5.81 -27.72 -5.18
C ASP B 150 -6.53 -28.02 -3.87
N GLY B 151 -7.17 -27.00 -3.33
CA GLY B 151 -7.91 -27.12 -2.10
C GLY B 151 -9.11 -28.06 -2.22
N ALA B 152 -9.78 -28.02 -3.38
CA ALA B 152 -10.86 -28.92 -3.67
C ALA B 152 -10.41 -30.38 -3.74
N VAL B 153 -9.32 -30.61 -4.47
CA VAL B 153 -8.76 -31.99 -4.51
C VAL B 153 -8.44 -32.52 -3.11
N LYS B 154 -7.76 -31.70 -2.30
CA LYS B 154 -7.41 -32.08 -0.97
C LYS B 154 -8.64 -32.38 -0.15
N THR B 155 -9.64 -31.50 -0.25
CA THR B 155 -10.85 -31.67 0.51
C THR B 155 -11.56 -32.94 0.14
N LEU B 156 -11.77 -33.16 -1.15
CA LEU B 156 -12.53 -34.30 -1.58
C LEU B 156 -11.82 -35.64 -1.31
N THR B 157 -10.51 -35.66 -1.46
CA THR B 157 -9.79 -36.85 -1.12
C THR B 157 -9.72 -37.12 0.38
N SER B 158 -9.66 -36.04 1.20
CA SER B 158 -9.59 -36.18 2.66
C SER B 158 -10.85 -36.75 3.19
N LEU B 159 -11.96 -36.50 2.52
CA LEU B 159 -13.26 -37.01 2.98
C LEU B 159 -13.54 -38.42 2.55
N ASN B 160 -12.53 -39.06 1.96
CA ASN B 160 -12.64 -40.44 1.47
C ASN B 160 -13.77 -40.65 0.52
N LEU B 161 -13.93 -39.70 -0.39
CA LEU B 161 -14.95 -39.76 -1.39
C LEU B 161 -14.43 -40.36 -2.69
N TYR B 162 -13.11 -40.36 -2.89
CA TYR B 162 -12.55 -40.83 -4.17
C TYR B 162 -12.72 -42.33 -4.36
N GLY B 163 -13.47 -42.68 -5.38
CA GLY B 163 -13.79 -44.06 -5.66
C GLY B 163 -15.15 -44.46 -5.13
N LYS B 164 -15.77 -43.57 -4.38
CA LYS B 164 -17.06 -43.83 -3.75
C LYS B 164 -18.15 -42.92 -4.28
N HIS B 165 -17.86 -41.65 -4.35
CA HIS B 165 -18.87 -40.65 -4.62
C HIS B 165 -18.72 -40.27 -6.05
N LYS B 166 -19.79 -40.28 -6.81
CA LYS B 166 -19.73 -40.13 -8.25
C LYS B 166 -19.15 -38.77 -8.73
N LEU B 167 -19.75 -37.67 -8.31
CA LEU B 167 -19.28 -36.36 -8.72
C LEU B 167 -17.86 -36.04 -8.15
N ALA B 168 -17.63 -36.42 -6.89
CA ALA B 168 -16.35 -36.09 -6.26
C ALA B 168 -15.23 -36.83 -6.96
N THR B 169 -15.50 -38.03 -7.40
CA THR B 169 -14.49 -38.86 -8.07
C THR B 169 -14.14 -38.26 -9.45
N GLU B 170 -15.15 -37.93 -10.22
CA GLU B 170 -14.95 -37.24 -11.51
C GLU B 170 -14.23 -35.91 -11.33
N ALA B 171 -14.64 -35.16 -10.31
CA ALA B 171 -14.01 -33.89 -9.99
C ALA B 171 -12.55 -34.08 -9.67
N VAL B 172 -12.23 -35.00 -8.80
CA VAL B 172 -10.84 -35.22 -8.47
C VAL B 172 -9.99 -35.51 -9.73
N ASP B 173 -10.45 -36.40 -10.58
CA ASP B 173 -9.71 -36.82 -11.79
C ASP B 173 -9.51 -35.62 -12.74
N ARG B 174 -10.53 -34.82 -12.92
CA ARG B 174 -10.45 -33.63 -13.79
C ARG B 174 -9.69 -32.47 -13.23
N LEU B 175 -9.89 -32.19 -11.95
CA LEU B 175 -9.12 -31.17 -11.29
C LEU B 175 -7.62 -31.43 -11.37
N ARG B 176 -7.21 -32.70 -11.28
CA ARG B 176 -5.79 -33.09 -11.38
C ARG B 176 -5.28 -33.30 -12.81
N SER B 177 -6.13 -33.23 -13.83
CA SER B 177 -5.67 -33.60 -15.16
C SER B 177 -4.68 -32.66 -15.78
N ARG B 178 -3.73 -33.23 -16.49
CA ARG B 178 -2.78 -32.44 -17.29
C ARG B 178 -3.28 -32.18 -18.71
N ASP B 179 -4.41 -32.78 -19.07
CA ASP B 179 -5.04 -32.62 -20.39
C ASP B 179 -5.89 -31.34 -20.40
N PRO B 180 -5.42 -30.33 -21.08
CA PRO B 180 -6.09 -29.02 -21.08
C PRO B 180 -7.50 -29.10 -21.62
N SER B 181 -7.79 -30.07 -22.48
CA SER B 181 -9.16 -30.28 -22.96
C SER B 181 -10.08 -30.96 -21.95
N LYS B 182 -9.54 -31.51 -20.86
CA LYS B 182 -10.37 -32.25 -19.88
C LYS B 182 -10.32 -31.56 -18.51
N ALA B 183 -9.28 -30.81 -18.24
CA ALA B 183 -9.05 -30.35 -16.87
C ALA B 183 -10.15 -29.46 -16.38
N TRP B 184 -10.45 -29.55 -15.11
CA TRP B 184 -11.40 -28.67 -14.45
C TRP B 184 -10.73 -27.76 -13.42
N THR B 185 -11.47 -26.73 -13.01
CA THR B 185 -11.11 -25.91 -11.88
C THR B 185 -12.31 -25.82 -10.95
N SER B 186 -12.06 -25.43 -9.69
CA SER B 186 -13.09 -25.29 -8.69
C SER B 186 -13.16 -23.90 -8.14
N GLY B 187 -14.35 -23.55 -7.66
CA GLY B 187 -14.52 -22.38 -6.78
C GLY B 187 -14.87 -22.79 -5.36
N GLN B 188 -15.04 -21.80 -4.50
CA GLN B 188 -15.19 -21.98 -3.05
C GLN B 188 -16.15 -20.83 -2.69
N TRP B 189 -17.38 -21.16 -2.29
CA TRP B 189 -18.42 -20.11 -2.06
C TRP B 189 -18.88 -20.09 -0.59
N MET B 190 -18.15 -19.36 0.23
CA MET B 190 -18.40 -19.21 1.63
CA MET B 190 -18.47 -19.28 1.63
C MET B 190 -19.02 -17.91 2.08
N THR B 191 -18.44 -16.84 1.55
CA THR B 191 -18.72 -15.49 1.98
C THR B 191 -20.10 -15.05 1.60
N GLU B 192 -20.84 -14.52 2.58
CA GLU B 192 -22.16 -13.98 2.33
C GLU B 192 -22.26 -12.52 2.84
N LYS B 193 -23.38 -11.84 2.62
CA LYS B 193 -23.44 -10.43 2.98
C LYS B 193 -23.23 -10.20 4.51
N LYS B 194 -23.83 -11.07 5.28
CA LYS B 194 -23.78 -10.96 6.75
C LYS B 194 -22.43 -11.34 7.34
N GLY B 195 -21.66 -12.13 6.64
CA GLY B 195 -20.32 -12.39 7.15
C GLY B 195 -19.46 -13.24 6.24
N GLY B 196 -18.17 -12.90 6.25
CA GLY B 196 -17.16 -13.65 5.55
C GLY B 196 -16.19 -14.27 6.50
N SER B 197 -15.61 -13.44 7.37
CA SER B 197 -14.84 -13.97 8.47
C SER B 197 -15.70 -14.95 9.28
N ASP B 198 -16.94 -14.56 9.51
CA ASP B 198 -17.82 -15.28 10.44
C ASP B 198 -18.92 -15.98 9.63
N VAL B 199 -18.66 -17.21 9.24
CA VAL B 199 -19.59 -17.94 8.37
CA VAL B 199 -19.55 -17.96 8.38
C VAL B 199 -20.68 -18.56 9.24
N ALA B 200 -20.34 -18.91 10.51
CA ALA B 200 -21.35 -19.41 11.41
C ALA B 200 -22.50 -18.46 11.59
N GLY B 201 -22.20 -17.18 11.76
CA GLY B 201 -23.24 -16.15 11.92
C GLY B 201 -23.70 -15.58 10.57
N GLY B 202 -22.81 -15.62 9.59
CA GLY B 202 -23.08 -14.98 8.29
C GLY B 202 -23.88 -15.78 7.28
N CYS B 203 -23.71 -17.10 7.29
CA CYS B 203 -24.27 -17.89 6.21
C CYS B 203 -25.77 -18.03 6.34
N ASP B 204 -26.50 -17.60 5.30
CA ASP B 204 -27.95 -17.73 5.22
C ASP B 204 -28.34 -18.41 3.88
N THR B 205 -27.61 -19.48 3.51
CA THR B 205 -28.02 -20.37 2.42
C THR B 205 -28.58 -21.63 2.95
N TYR B 206 -29.70 -22.11 2.34
CA TYR B 206 -30.50 -23.20 2.81
C TYR B 206 -30.52 -24.28 1.75
N ALA B 207 -30.55 -25.52 2.21
CA ALA B 207 -30.50 -26.69 1.34
C ALA B 207 -31.73 -27.53 1.58
N VAL B 208 -32.51 -27.75 0.52
CA VAL B 208 -33.72 -28.49 0.64
C VAL B 208 -33.56 -29.84 0.00
N GLN B 209 -33.82 -30.91 0.74
CA GLN B 209 -33.55 -32.24 0.22
C GLN B 209 -34.37 -32.54 -1.02
N ILE B 210 -33.71 -32.99 -2.07
CA ILE B 210 -34.42 -33.53 -3.22
C ILE B 210 -34.50 -35.05 -3.13
N ASP B 211 -33.36 -35.68 -2.82
CA ASP B 211 -33.32 -37.16 -2.72
C ASP B 211 -32.01 -37.63 -2.13
N LYS B 212 -32.09 -38.45 -1.09
CA LYS B 212 -30.89 -38.98 -0.47
C LYS B 212 -29.95 -37.79 -0.17
N ASP B 213 -28.78 -37.73 -0.78
CA ASP B 213 -27.83 -36.67 -0.38
C ASP B 213 -27.78 -35.49 -1.36
N THR B 214 -28.73 -35.48 -2.30
CA THR B 214 -28.90 -34.40 -3.29
C THR B 214 -29.91 -33.36 -2.79
N TYR B 215 -29.51 -32.09 -2.84
CA TYR B 215 -30.27 -30.99 -2.30
C TYR B 215 -30.36 -29.85 -3.38
N ARG B 216 -31.32 -28.97 -3.15
CA ARG B 216 -31.59 -27.71 -3.91
C ARG B 216 -31.09 -26.62 -2.99
N LEU B 217 -30.19 -25.76 -3.44
CA LEU B 217 -29.69 -24.65 -2.64
C LEU B 217 -30.38 -23.32 -2.98
N HIS B 218 -30.62 -22.56 -1.92
CA HIS B 218 -31.27 -21.24 -1.97
C HIS B 218 -30.50 -20.28 -1.08
N GLY B 219 -29.88 -19.32 -1.69
CA GLY B 219 -29.02 -18.37 -0.95
C GLY B 219 -28.40 -17.35 -1.83
N TYR B 220 -27.59 -16.47 -1.22
CA TYR B 220 -26.92 -15.43 -1.93
C TYR B 220 -25.43 -15.48 -1.62
N LYS B 221 -24.58 -15.75 -2.61
CA LYS B 221 -23.14 -15.82 -2.38
C LYS B 221 -22.56 -14.46 -2.76
N TRP B 222 -21.95 -13.81 -1.80
CA TRP B 222 -21.59 -12.38 -1.92
C TRP B 222 -20.29 -12.15 -2.64
N PHE B 223 -19.34 -13.07 -2.54
CA PHE B 223 -18.11 -13.06 -3.32
C PHE B 223 -17.92 -14.48 -3.84
N SER B 224 -17.93 -14.62 -5.17
CA SER B 224 -17.65 -15.96 -5.80
C SER B 224 -16.68 -15.77 -6.94
N SER B 225 -15.41 -15.98 -6.65
CA SER B 225 -14.35 -15.85 -7.62
C SER B 225 -14.23 -17.06 -8.56
N ALA B 226 -13.78 -16.78 -9.78
CA ALA B 226 -13.58 -17.79 -10.84
C ALA B 226 -14.85 -18.50 -11.14
N VAL B 227 -15.91 -17.71 -11.42
CA VAL B 227 -17.19 -18.30 -11.86
C VAL B 227 -17.18 -18.94 -13.27
N ASP B 228 -16.06 -18.86 -13.96
CA ASP B 228 -15.78 -19.67 -15.11
C ASP B 228 -15.36 -21.16 -14.71
N ALA B 229 -15.28 -21.46 -13.42
CA ALA B 229 -14.87 -22.80 -12.97
C ALA B 229 -15.95 -23.86 -13.26
N ASP B 230 -15.60 -25.13 -13.10
CA ASP B 230 -16.52 -26.21 -13.42
C ASP B 230 -17.35 -26.68 -12.25
N VAL B 231 -16.76 -26.64 -11.06
CA VAL B 231 -17.43 -27.05 -9.81
C VAL B 231 -17.12 -26.05 -8.72
N ALA B 232 -17.83 -26.19 -7.61
CA ALA B 232 -17.60 -25.39 -6.45
C ALA B 232 -17.99 -26.14 -5.21
N LEU B 233 -17.28 -25.83 -4.15
CA LEU B 233 -17.64 -26.26 -2.80
C LEU B 233 -18.31 -25.11 -2.13
N THR B 234 -19.38 -25.39 -1.39
CA THR B 234 -20.06 -24.36 -0.63
C THR B 234 -20.71 -24.90 0.62
N LEU B 235 -21.12 -24.00 1.51
CA LEU B 235 -21.77 -24.34 2.79
C LEU B 235 -23.18 -23.90 2.70
N ALA B 236 -24.08 -24.65 3.32
CA ALA B 236 -25.49 -24.32 3.45
C ALA B 236 -26.09 -24.98 4.66
N ARG B 237 -27.27 -24.50 5.06
CA ARG B 237 -28.03 -25.05 6.16
C ARG B 237 -29.14 -25.94 5.70
N ILE B 238 -29.10 -27.19 6.18
CA ILE B 238 -30.01 -28.18 5.73
C ILE B 238 -31.31 -27.89 6.45
N VAL B 239 -32.40 -27.93 5.69
CA VAL B 239 -33.74 -27.70 6.22
C VAL B 239 -34.37 -29.05 6.60
N ASP B 240 -34.85 -29.17 7.83
CA ASP B 240 -35.44 -30.42 8.28
C ASP B 240 -36.89 -30.59 7.77
N SER B 241 -37.52 -31.72 8.06
CA SER B 241 -38.89 -32.00 7.58
C SER B 241 -39.96 -31.08 8.23
N ASP B 242 -39.61 -30.27 9.21
CA ASP B 242 -40.55 -29.28 9.76
C ASP B 242 -40.35 -27.91 9.12
N GLY B 243 -39.34 -27.78 8.27
CA GLY B 243 -39.10 -26.52 7.59
C GLY B 243 -38.17 -25.59 8.33
N ASN B 244 -37.44 -26.14 9.31
CA ASN B 244 -36.53 -25.37 10.17
C ASN B 244 -35.07 -25.71 9.86
N ALA B 245 -34.17 -24.88 10.36
CA ALA B 245 -32.75 -25.09 10.22
C ALA B 245 -32.05 -24.69 11.54
N LEU B 246 -30.79 -25.09 11.71
CA LEU B 246 -30.04 -24.74 12.92
C LEU B 246 -29.22 -23.47 12.69
N GLU B 247 -29.27 -22.52 13.62
CA GLU B 247 -28.30 -21.42 13.58
C GLU B 247 -26.91 -21.88 13.95
N GLY B 248 -25.92 -21.07 13.65
CA GLY B 248 -24.56 -21.25 14.12
C GLY B 248 -23.76 -22.25 13.30
N SER B 249 -22.53 -22.52 13.74
CA SER B 249 -21.61 -23.40 13.00
C SER B 249 -22.20 -24.77 12.82
N ARG B 250 -22.86 -25.23 13.87
CA ARG B 250 -23.43 -26.58 13.86
C ARG B 250 -24.57 -26.80 12.85
N GLY B 251 -25.17 -25.72 12.36
CA GLY B 251 -26.17 -25.88 11.26
C GLY B 251 -25.63 -25.95 9.85
N LEU B 252 -24.32 -25.77 9.66
CA LEU B 252 -23.73 -25.77 8.34
C LEU B 252 -23.24 -27.13 7.90
N SER B 253 -23.57 -27.50 6.66
CA SER B 253 -23.04 -28.65 5.99
C SER B 253 -22.33 -28.25 4.68
N LEU B 254 -21.46 -29.13 4.21
CA LEU B 254 -20.67 -28.89 3.01
C LEU B 254 -21.31 -29.55 1.79
N PHE B 255 -21.20 -28.89 0.65
CA PHE B 255 -21.79 -29.32 -0.61
C PHE B 255 -20.85 -29.15 -1.75
N LEU B 256 -21.02 -30.02 -2.71
CA LEU B 256 -20.27 -30.00 -3.95
C LEU B 256 -21.27 -29.88 -5.07
N LEU B 257 -21.03 -28.94 -5.99
CA LEU B 257 -21.89 -28.78 -7.16
C LEU B 257 -21.20 -28.47 -8.44
N LYS B 258 -21.87 -28.81 -9.55
CA LYS B 258 -21.47 -28.40 -10.87
C LYS B 258 -22.08 -27.01 -11.16
N ILE B 259 -21.27 -26.10 -11.68
CA ILE B 259 -21.71 -24.71 -11.87
C ILE B 259 -22.66 -24.67 -13.08
N ARG B 260 -22.38 -25.48 -14.08
CA ARG B 260 -23.17 -25.51 -15.33
C ARG B 260 -23.59 -26.92 -15.63
N ASP B 261 -24.77 -27.07 -16.21
CA ASP B 261 -25.36 -28.37 -16.49
C ASP B 261 -24.78 -28.90 -17.83
N GLU B 262 -25.29 -30.01 -18.31
CA GLU B 262 -24.77 -30.56 -19.60
C GLU B 262 -25.04 -29.72 -20.92
N SER B 263 -26.03 -28.82 -20.91
CA SER B 263 -26.22 -27.82 -22.01
C SER B 263 -25.37 -26.56 -21.87
N GLY B 264 -24.64 -26.44 -20.78
CA GLY B 264 -23.82 -25.23 -20.59
C GLY B 264 -24.59 -24.13 -19.89
N ASN B 265 -25.79 -24.46 -19.40
CA ASN B 265 -26.64 -23.54 -18.68
C ASN B 265 -26.30 -23.54 -17.21
N LEU B 266 -26.42 -22.40 -16.57
CA LEU B 266 -26.21 -22.32 -15.13
C LEU B 266 -27.10 -23.23 -14.32
N ASN B 267 -26.51 -23.86 -13.33
CA ASN B 267 -27.23 -24.77 -12.47
C ASN B 267 -27.98 -24.03 -11.32
N GLY B 268 -29.20 -23.57 -11.57
CA GLY B 268 -30.03 -22.85 -10.56
C GLY B 268 -29.36 -21.54 -10.06
N ILE B 269 -28.52 -20.89 -10.87
CA ILE B 269 -27.70 -19.80 -10.42
C ILE B 269 -27.89 -18.65 -11.39
N GLN B 270 -27.93 -17.43 -10.84
CA GLN B 270 -27.89 -16.22 -11.63
C GLN B 270 -26.77 -15.38 -11.14
N MET B 271 -26.03 -14.77 -12.04
CA MET B 271 -24.97 -13.91 -11.63
C MET B 271 -25.53 -12.49 -11.55
N VAL B 272 -25.57 -11.96 -10.35
CA VAL B 272 -26.18 -10.66 -10.14
C VAL B 272 -25.33 -9.56 -10.74
N ARG B 273 -24.03 -9.56 -10.48
CA ARG B 273 -23.05 -8.64 -11.03
C ARG B 273 -21.66 -9.15 -10.87
N LEU B 274 -20.71 -8.59 -11.62
CA LEU B 274 -19.33 -8.77 -11.33
C LEU B 274 -18.87 -7.68 -10.36
N LYS B 275 -18.01 -8.04 -9.42
CA LYS B 275 -17.39 -7.01 -8.56
C LYS B 275 -16.49 -6.07 -9.36
N ASN B 276 -16.45 -4.81 -8.91
CA ASN B 276 -15.51 -3.80 -9.40
C ASN B 276 -14.39 -3.60 -8.39
N LYS B 277 -13.21 -4.19 -8.66
CA LYS B 277 -12.23 -4.50 -7.61
C LYS B 277 -11.00 -3.65 -7.75
N LEU B 278 -10.39 -3.33 -6.63
CA LEU B 278 -9.09 -2.63 -6.65
C LEU B 278 -8.05 -3.30 -7.53
N GLY B 279 -7.90 -4.59 -7.26
CA GLY B 279 -7.07 -5.46 -8.04
C GLY B 279 -7.71 -6.78 -8.26
N THR B 280 -6.92 -7.79 -8.70
CA THR B 280 -7.48 -9.02 -9.22
C THR B 280 -8.51 -8.79 -10.34
N LYS B 281 -8.36 -7.68 -11.06
CA LYS B 281 -9.33 -7.30 -12.07
C LYS B 281 -9.42 -8.37 -13.23
N GLN B 282 -8.38 -9.15 -13.41
CA GLN B 282 -8.31 -10.23 -14.35
C GLN B 282 -9.34 -11.30 -14.05
N LEU B 283 -9.59 -11.50 -12.76
CA LEU B 283 -10.38 -12.61 -12.22
C LEU B 283 -11.88 -12.29 -12.22
N PRO B 284 -12.74 -13.19 -12.74
CA PRO B 284 -14.15 -12.80 -12.63
C PRO B 284 -14.68 -13.14 -11.25
N THR B 285 -15.08 -12.17 -10.50
CA THR B 285 -15.66 -12.42 -9.17
C THR B 285 -17.07 -11.89 -9.22
N ALA B 286 -18.04 -12.75 -8.93
CA ALA B 286 -19.45 -12.41 -9.01
C ALA B 286 -20.16 -12.47 -7.71
N GLU B 287 -21.33 -11.88 -7.68
CA GLU B 287 -22.34 -12.22 -6.70
C GLU B 287 -23.31 -13.20 -7.34
N LEU B 288 -23.65 -14.24 -6.62
CA LEU B 288 -24.52 -15.33 -7.10
C LEU B 288 -25.78 -15.43 -6.33
N LEU B 289 -26.89 -15.50 -7.05
CA LEU B 289 -28.16 -15.80 -6.46
C LEU B 289 -28.49 -17.23 -6.80
N LEU B 290 -28.54 -18.05 -5.77
CA LEU B 290 -28.86 -19.49 -5.83
C LEU B 290 -30.33 -19.71 -5.58
N ASP B 291 -31.00 -20.25 -6.57
CA ASP B 291 -32.39 -20.59 -6.44
C ASP B 291 -32.63 -21.94 -7.05
N GLY B 292 -32.48 -22.98 -6.24
CA GLY B 292 -32.70 -24.35 -6.72
C GLY B 292 -31.45 -24.98 -7.38
N ALA B 293 -30.25 -24.46 -7.07
CA ALA B 293 -28.98 -25.07 -7.53
C ALA B 293 -28.83 -26.47 -6.97
N ILE B 294 -28.68 -27.44 -7.84
CA ILE B 294 -28.56 -28.85 -7.41
C ILE B 294 -27.15 -29.17 -6.92
N ALA B 295 -27.07 -29.70 -5.70
CA ALA B 295 -25.84 -29.91 -5.04
C ALA B 295 -25.84 -31.22 -4.22
N GLU B 296 -24.65 -31.79 -4.09
CA GLU B 296 -24.49 -33.08 -3.32
C GLU B 296 -23.85 -32.85 -1.96
N ARG B 297 -24.49 -33.30 -0.89
CA ARG B 297 -23.93 -33.14 0.43
C ARG B 297 -22.74 -34.06 0.62
N ILE B 298 -21.67 -33.53 1.19
CA ILE B 298 -20.44 -34.30 1.45
C ILE B 298 -19.94 -33.99 2.86
N GLY B 299 -19.28 -34.96 3.45
CA GLY B 299 -19.00 -34.91 4.85
C GLY B 299 -20.25 -35.07 5.69
N ASP B 300 -20.05 -35.00 6.99
CA ASP B 300 -21.12 -35.14 7.96
C ASP B 300 -21.98 -33.87 8.09
N GLN B 301 -23.28 -34.07 8.22
CA GLN B 301 -24.18 -32.96 8.48
C GLN B 301 -23.80 -32.19 9.75
N GLY B 302 -23.73 -30.87 9.64
CA GLY B 302 -23.43 -30.08 10.79
C GLY B 302 -21.95 -29.80 10.90
N ARG B 303 -21.14 -30.54 10.13
CA ARG B 303 -19.67 -30.34 10.19
C ARG B 303 -19.07 -29.78 8.90
N GLY B 304 -19.76 -28.82 8.31
CA GLY B 304 -19.32 -28.21 7.06
C GLY B 304 -18.06 -27.43 7.25
N VAL B 305 -17.99 -26.67 8.33
CA VAL B 305 -16.80 -25.85 8.52
C VAL B 305 -15.59 -26.79 8.67
N ALA B 306 -15.72 -27.79 9.52
CA ALA B 306 -14.62 -28.74 9.67
C ALA B 306 -14.28 -29.43 8.32
N GLY B 307 -15.28 -29.87 7.58
CA GLY B 307 -15.08 -30.41 6.24
C GLY B 307 -14.32 -29.51 5.28
N ILE B 308 -14.64 -28.21 5.28
CA ILE B 308 -14.00 -27.28 4.35
C ILE B 308 -12.62 -26.86 4.81
N SER B 309 -12.20 -27.28 6.01
CA SER B 309 -10.89 -26.83 6.55
C SER B 309 -9.66 -27.10 5.66
N ASN B 310 -9.64 -28.20 4.87
CA ASN B 310 -8.46 -28.46 4.00
C ASN B 310 -8.36 -27.48 2.84
N MET B 311 -9.49 -27.02 2.37
CA MET B 311 -9.50 -25.99 1.39
C MET B 311 -8.97 -24.71 1.96
N LEU B 312 -9.47 -24.31 3.12
CA LEU B 312 -8.91 -23.08 3.78
C LEU B 312 -7.37 -23.21 3.94
N ASN B 313 -6.88 -24.31 4.49
CA ASN B 313 -5.46 -24.41 4.66
C ASN B 313 -4.64 -24.45 3.42
N ILE B 314 -5.08 -25.17 2.35
CA ILE B 314 -4.31 -25.20 1.10
C ILE B 314 -4.32 -23.89 0.44
N THR B 315 -5.48 -23.20 0.44
CA THR B 315 -5.56 -21.96 -0.22
C THR B 315 -4.71 -20.92 0.52
N ARG B 316 -4.65 -21.01 1.83
CA ARG B 316 -3.80 -20.10 2.65
CA ARG B 316 -3.83 -20.09 2.66
C ARG B 316 -2.30 -20.27 2.31
N ILE B 317 -1.82 -21.49 2.04
CA ILE B 317 -0.42 -21.67 1.53
C ILE B 317 -0.21 -21.02 0.10
N HIS B 318 -1.14 -21.30 -0.80
CA HIS B 318 -1.14 -20.66 -2.11
C HIS B 318 -1.15 -19.14 -1.96
N ASN B 319 -1.92 -18.63 -1.00
CA ASN B 319 -2.00 -17.16 -0.84
C ASN B 319 -0.63 -16.64 -0.39
N ALA B 320 0.08 -17.37 0.46
CA ALA B 320 1.40 -16.97 0.84
C ALA B 320 2.39 -16.97 -0.31
N VAL B 321 2.24 -17.97 -1.17
CA VAL B 321 2.99 -18.07 -2.43
C VAL B 321 2.81 -16.77 -3.26
N ALA B 322 1.58 -16.29 -3.34
CA ALA B 322 1.23 -15.11 -4.09
C ALA B 322 1.86 -13.85 -3.45
N SER B 323 1.74 -13.73 -2.12
CA SER B 323 2.36 -12.62 -1.42
C SER B 323 3.85 -12.55 -1.73
N LEU B 324 4.51 -13.68 -1.61
CA LEU B 324 5.94 -13.77 -1.78
C LEU B 324 6.31 -13.59 -3.24
N GLY B 325 5.46 -14.08 -4.13
CA GLY B 325 5.63 -13.86 -5.56
C GLY B 325 5.68 -12.36 -5.95
N TYR B 326 4.79 -11.59 -5.38
CA TYR B 326 4.75 -10.13 -5.62
C TYR B 326 5.97 -9.41 -5.02
N MET B 327 6.35 -9.83 -3.81
CA MET B 327 7.54 -9.29 -3.15
C MET B 327 8.79 -9.57 -3.97
N ARG B 328 8.99 -10.82 -4.35
CA ARG B 328 10.15 -11.16 -5.18
C ARG B 328 10.09 -10.48 -6.54
N ARG B 329 8.92 -10.44 -7.16
CA ARG B 329 8.83 -9.83 -8.48
C ARG B 329 9.27 -8.32 -8.45
N ILE B 330 8.76 -7.56 -7.51
CA ILE B 330 9.09 -6.16 -7.43
C ILE B 330 10.56 -5.98 -7.15
N ILE B 331 11.17 -6.81 -6.33
CA ILE B 331 12.55 -6.67 -6.04
C ILE B 331 13.38 -7.05 -7.28
N SER B 332 13.02 -8.13 -7.95
CA SER B 332 13.69 -8.48 -9.20
C SER B 332 13.64 -7.36 -10.24
N LEU B 333 12.45 -6.79 -10.42
CA LEU B 333 12.33 -5.72 -11.38
C LEU B 333 13.05 -4.45 -10.95
N ALA B 334 12.93 -4.13 -9.66
CA ALA B 334 13.58 -2.90 -9.14
C ALA B 334 15.07 -3.05 -9.21
N ARG B 335 15.62 -4.19 -8.81
CA ARG B 335 17.03 -4.31 -8.95
C ARG B 335 17.59 -4.26 -10.38
N ASP B 336 16.89 -4.85 -11.34
CA ASP B 336 17.30 -4.68 -12.71
C ASP B 336 17.25 -3.22 -13.22
N TYR B 337 16.17 -2.54 -12.88
CA TYR B 337 16.03 -1.12 -13.24
C TYR B 337 17.15 -0.29 -12.67
N SER B 338 17.60 -0.65 -11.44
CA SER B 338 18.69 0.08 -10.81
C SER B 338 19.99 0.09 -11.60
N THR B 339 20.19 -0.92 -12.46
CA THR B 339 21.39 -0.97 -13.30
C THR B 339 21.27 -0.12 -14.56
N LYS B 340 20.07 0.41 -14.82
CA LYS B 340 19.76 1.11 -16.06
C LYS B 340 19.37 2.59 -15.86
N ARG B 341 18.94 2.97 -14.66
CA ARG B 341 18.39 4.32 -14.43
C ARG B 341 19.49 5.16 -13.82
N VAL B 342 19.91 6.22 -14.53
CA VAL B 342 20.91 7.17 -14.03
C VAL B 342 20.23 8.26 -13.25
N VAL B 343 20.74 8.45 -12.04
CA VAL B 343 20.33 9.53 -11.18
C VAL B 343 21.58 10.15 -10.53
N PHE B 344 21.72 11.44 -10.79
CA PHE B 344 22.81 12.27 -10.26
C PHE B 344 24.11 11.68 -10.72
N GLY B 345 24.14 11.29 -12.00
CA GLY B 345 25.37 10.97 -12.68
C GLY B 345 25.78 9.51 -12.57
N GLN B 346 25.05 8.69 -11.81
CA GLN B 346 25.26 7.24 -11.93
C GLN B 346 24.01 6.38 -11.68
N THR B 347 24.14 5.06 -11.97
CA THR B 347 23.00 4.20 -11.95
C THR B 347 22.56 4.08 -10.49
N GLN B 348 21.26 3.99 -10.30
CA GLN B 348 20.73 3.81 -8.93
C GLN B 348 21.51 2.77 -8.12
N SER B 349 21.90 1.70 -8.79
CA SER B 349 22.56 0.61 -8.14
C SER B 349 23.83 1.00 -7.41
N LYS B 350 24.48 2.10 -7.84
CA LYS B 350 25.73 2.55 -7.25
C LYS B 350 25.51 3.41 -5.98
N TRP B 351 24.27 3.73 -5.68
CA TRP B 351 24.01 4.62 -4.56
C TRP B 351 23.71 3.80 -3.30
N PRO B 352 24.51 3.97 -2.25
CA PRO B 352 24.35 3.21 -1.03
C PRO B 352 22.96 3.25 -0.36
N LEU B 353 22.31 4.41 -0.39
CA LEU B 353 20.96 4.50 0.19
C LEU B 353 19.95 3.64 -0.58
N HIS B 354 20.12 3.51 -1.89
CA HIS B 354 19.24 2.69 -2.69
C HIS B 354 19.45 1.21 -2.33
N THR B 355 20.70 0.79 -2.19
CA THR B 355 20.98 -0.62 -1.81
C THR B 355 20.65 -0.94 -0.34
N THR B 356 20.73 0.07 0.54
CA THR B 356 20.26 -0.14 1.90
C THR B 356 18.78 -0.44 1.92
N THR B 357 18.00 0.31 1.17
CA THR B 357 16.53 0.14 1.10
C THR B 357 16.15 -1.23 0.53
N LEU B 358 16.75 -1.61 -0.60
CA LEU B 358 16.52 -2.92 -1.19
C LEU B 358 17.08 -4.06 -0.35
N ALA B 359 18.21 -3.87 0.32
CA ALA B 359 18.77 -4.97 1.05
C ALA B 359 17.82 -5.38 2.16
N LYS B 360 17.19 -4.41 2.83
CA LYS B 360 16.23 -4.75 3.87
C LYS B 360 15.01 -5.53 3.33
N MET B 361 14.48 -5.13 2.17
CA MET B 361 13.39 -5.88 1.50
C MET B 361 13.81 -7.32 1.19
N GLU B 362 15.05 -7.51 0.75
CA GLU B 362 15.56 -8.79 0.48
C GLU B 362 15.67 -9.69 1.72
N VAL B 363 16.14 -9.15 2.83
CA VAL B 363 16.29 -9.88 4.10
C VAL B 363 14.91 -10.38 4.58
N ASP B 364 13.91 -9.50 4.53
CA ASP B 364 12.58 -9.84 5.02
C ASP B 364 11.90 -10.88 4.10
N THR B 365 12.17 -10.81 2.80
CA THR B 365 11.57 -11.68 1.81
C THR B 365 12.20 -13.09 1.95
N ARG B 366 13.51 -13.17 2.19
CA ARG B 366 14.15 -14.45 2.32
C ARG B 366 13.62 -15.21 3.53
N GLY B 367 13.36 -14.53 4.62
CA GLY B 367 12.85 -15.19 5.83
C GLY B 367 11.48 -15.86 5.56
N SER B 368 10.61 -15.10 4.97
CA SER B 368 9.28 -15.63 4.65
C SER B 368 9.29 -16.73 3.56
N MET B 369 10.20 -16.62 2.65
CA MET B 369 10.41 -17.63 1.69
C MET B 369 10.78 -18.97 2.35
N LEU B 370 11.70 -18.95 3.32
CA LEU B 370 12.13 -20.21 3.98
C LEU B 370 10.96 -20.75 4.79
N LEU B 371 10.14 -19.86 5.37
CA LEU B 371 8.96 -20.28 6.11
C LEU B 371 8.01 -20.98 5.14
N LEU B 372 7.84 -20.43 3.92
CA LEU B 372 6.99 -21.03 2.92
C LEU B 372 7.42 -22.42 2.57
N PHE B 373 8.72 -22.62 2.37
CA PHE B 373 9.22 -23.95 2.02
C PHE B 373 9.21 -24.93 3.20
N GLU B 374 9.34 -24.43 4.43
CA GLU B 374 9.11 -25.26 5.63
C GLU B 374 7.63 -25.70 5.67
N ALA B 375 6.70 -24.82 5.33
CA ALA B 375 5.28 -25.24 5.19
C ALA B 375 5.06 -26.34 4.08
N ALA B 376 5.68 -26.17 2.92
CA ALA B 376 5.61 -27.13 1.81
C ALA B 376 6.19 -28.49 2.22
N ARG B 377 7.35 -28.43 2.87
CA ARG B 377 7.99 -29.65 3.47
C ARG B 377 7.06 -30.35 4.42
N LEU B 378 6.51 -29.61 5.37
CA LEU B 378 5.61 -30.17 6.40
C LEU B 378 4.31 -30.69 5.80
N LEU B 379 3.85 -30.08 4.72
CA LEU B 379 2.61 -30.53 4.07
C LEU B 379 2.87 -31.87 3.42
N GLY B 380 3.97 -31.93 2.68
CA GLY B 380 4.37 -33.17 2.03
C GLY B 380 4.54 -34.34 2.99
N LEU B 381 5.29 -34.11 4.09
CA LEU B 381 5.46 -35.14 5.13
C LEU B 381 4.12 -35.61 5.69
N SER B 382 3.17 -34.71 5.86
CA SER B 382 1.87 -35.10 6.38
C SER B 382 1.06 -35.97 5.42
N GLU B 383 1.11 -35.60 4.15
CA GLU B 383 0.51 -36.41 3.09
C GLU B 383 1.19 -37.76 2.85
N ALA B 384 2.47 -37.90 3.17
CA ALA B 384 3.13 -39.19 3.11
C ALA B 384 2.90 -40.08 4.33
N GLY B 385 2.24 -39.58 5.37
CA GLY B 385 2.09 -40.35 6.61
C GLY B 385 3.39 -40.43 7.40
N LYS B 386 4.31 -39.48 7.18
CA LYS B 386 5.67 -39.52 7.76
C LYS B 386 5.97 -38.45 8.80
N SER B 387 4.98 -37.62 9.07
CA SER B 387 5.07 -36.61 10.14
C SER B 387 5.32 -37.20 11.54
N SER B 388 6.39 -36.74 12.21
CA SER B 388 6.46 -36.85 13.67
C SER B 388 5.31 -36.06 14.29
N ASP B 389 5.05 -36.30 15.57
CA ASP B 389 4.01 -35.54 16.25
C ASP B 389 4.33 -34.05 16.14
N VAL B 390 5.61 -33.68 16.23
CA VAL B 390 6.00 -32.28 16.18
C VAL B 390 5.73 -31.70 14.79
N GLU B 391 6.05 -32.48 13.77
CA GLU B 391 5.82 -32.03 12.39
C GLU B 391 4.32 -31.87 12.09
N ALA B 392 3.49 -32.75 12.63
CA ALA B 392 2.03 -32.55 12.45
C ALA B 392 1.58 -31.27 13.11
N MET B 393 2.05 -31.02 14.35
CA MET B 393 1.66 -29.77 15.03
C MET B 393 2.15 -28.52 14.30
N MET B 394 3.41 -28.54 13.85
CA MET B 394 3.97 -27.41 13.15
C MET B 394 3.27 -27.13 11.81
N LEU B 395 2.73 -28.15 11.15
CA LEU B 395 1.93 -27.91 9.93
C LEU B 395 0.68 -27.12 10.26
N ARG B 396 0.02 -27.47 11.35
CA ARG B 396 -1.24 -26.80 11.69
C ARG B 396 -1.02 -25.37 12.13
N LEU B 397 0.09 -25.15 12.82
CA LEU B 397 0.49 -23.83 13.31
C LEU B 397 1.02 -22.91 12.19
N ILE B 398 1.91 -23.44 11.35
CA ILE B 398 2.58 -22.65 10.34
C ILE B 398 1.68 -22.07 9.24
N THR B 399 0.59 -22.75 8.92
CA THR B 399 -0.22 -22.38 7.81
C THR B 399 -0.83 -21.00 8.03
N PRO B 400 -1.49 -20.77 9.20
CA PRO B 400 -2.03 -19.40 9.36
C PRO B 400 -0.95 -18.34 9.64
N VAL B 401 0.12 -18.72 10.34
CA VAL B 401 1.22 -17.81 10.68
C VAL B 401 1.86 -17.34 9.36
N LEU B 402 2.17 -18.28 8.49
CA LEU B 402 2.72 -17.94 7.16
C LEU B 402 1.85 -17.02 6.31
N LYS B 403 0.60 -17.42 6.16
CA LYS B 403 -0.33 -16.63 5.42
C LYS B 403 -0.43 -15.22 5.98
N LEU B 404 -0.69 -15.09 7.26
CA LEU B 404 -0.94 -13.76 7.78
C LEU B 404 0.32 -12.93 7.77
N TYR B 405 1.46 -13.53 7.98
CA TYR B 405 2.69 -12.75 8.06
C TYR B 405 3.16 -12.25 6.67
N ALA B 406 3.28 -13.17 5.69
CA ALA B 406 3.65 -12.77 4.34
C ALA B 406 2.60 -11.79 3.78
N GLY B 407 1.35 -12.02 4.16
CA GLY B 407 0.23 -11.21 3.80
C GLY B 407 0.40 -9.77 4.18
N LYS B 408 0.90 -9.57 5.38
CA LYS B 408 1.02 -8.26 5.94
C LYS B 408 2.35 -7.62 5.52
N GLN B 409 3.36 -8.41 5.22
CA GLN B 409 4.57 -7.89 4.58
C GLN B 409 4.35 -7.30 3.15
N ALA B 410 3.40 -7.83 2.41
CA ALA B 410 3.37 -7.70 0.95
C ALA B 410 3.08 -6.24 0.49
N VAL B 411 2.05 -5.59 1.01
CA VAL B 411 1.74 -4.27 0.50
C VAL B 411 2.82 -3.24 0.83
N PRO B 412 3.29 -3.16 2.09
CA PRO B 412 4.37 -2.20 2.27
C PRO B 412 5.63 -2.49 1.47
N MET B 413 5.98 -3.77 1.30
CA MET B 413 7.16 -4.07 0.52
C MET B 413 6.94 -3.75 -0.99
N VAL B 414 5.81 -4.06 -1.56
CA VAL B 414 5.60 -3.77 -2.97
C VAL B 414 5.47 -2.24 -3.15
N SER B 415 4.89 -1.54 -2.16
CA SER B 415 4.83 -0.08 -2.20
C SER B 415 6.26 0.53 -2.29
N GLU B 416 7.16 0.05 -1.44
CA GLU B 416 8.57 0.45 -1.44
C GLU B 416 9.20 0.17 -2.79
N GLY B 417 8.88 -0.98 -3.33
CA GLY B 417 9.41 -1.38 -4.64
C GLY B 417 8.98 -0.51 -5.78
N ILE B 418 7.73 -0.15 -5.83
CA ILE B 418 7.27 0.71 -6.90
C ILE B 418 7.91 2.08 -6.82
N GLU B 419 8.22 2.56 -5.62
CA GLU B 419 8.88 3.84 -5.44
C GLU B 419 10.31 3.83 -5.97
N CYS B 420 10.98 2.68 -6.04
CA CYS B 420 12.27 2.60 -6.67
C CYS B 420 12.24 3.08 -8.13
N PHE B 421 11.08 3.00 -8.77
CA PHE B 421 10.97 3.46 -10.17
C PHE B 421 10.56 4.92 -10.26
N GLY B 422 10.36 5.58 -9.12
CA GLY B 422 9.87 6.96 -9.15
C GLY B 422 8.50 7.07 -9.73
N GLY B 423 8.24 8.17 -10.46
CA GLY B 423 6.93 8.34 -11.09
C GLY B 423 6.48 7.21 -12.00
N GLN B 424 7.42 6.56 -12.68
CA GLN B 424 7.12 5.43 -13.53
C GLN B 424 6.52 4.26 -12.82
N GLY B 425 6.88 4.07 -11.54
CA GLY B 425 6.25 3.06 -10.73
C GLY B 425 4.78 3.23 -10.49
N TYR B 426 4.27 4.46 -10.69
CA TYR B 426 2.88 4.79 -10.47
C TYR B 426 2.04 4.77 -11.78
N MET B 427 2.69 4.45 -12.89
CA MET B 427 2.07 4.44 -14.22
C MET B 427 1.54 3.05 -14.58
N GLU B 428 0.22 2.91 -14.72
CA GLU B 428 -0.44 1.66 -15.00
C GLU B 428 0.09 0.99 -16.25
N ASP B 429 0.52 1.77 -17.23
CA ASP B 429 0.89 1.16 -18.51
C ASP B 429 2.30 0.48 -18.45
N THR B 430 3.05 0.68 -17.36
CA THR B 430 4.25 -0.10 -17.06
C THR B 430 4.04 -1.55 -16.56
N GLY B 431 2.83 -1.89 -16.13
CA GLY B 431 2.55 -3.14 -15.45
C GLY B 431 2.92 -3.17 -13.97
N LEU B 432 3.64 -2.15 -13.46
CA LEU B 432 4.08 -2.21 -12.08
C LEU B 432 3.01 -2.04 -11.04
N PRO B 433 2.10 -1.03 -11.20
CA PRO B 433 1.03 -0.92 -10.25
C PRO B 433 0.15 -2.09 -10.08
N THR B 434 0.00 -2.91 -11.12
CA THR B 434 -0.73 -4.14 -10.96
C THR B 434 -0.22 -4.98 -9.76
N LEU B 435 1.09 -5.05 -9.62
CA LEU B 435 1.72 -5.79 -8.55
C LEU B 435 1.24 -5.30 -7.22
N LEU B 436 1.10 -3.98 -7.05
CA LEU B 436 0.66 -3.44 -5.76
C LEU B 436 -0.86 -3.71 -5.52
N ARG B 437 -1.68 -3.40 -6.53
CA ARG B 437 -3.13 -3.56 -6.44
C ARG B 437 -3.49 -5.06 -6.12
N ASP B 438 -2.85 -5.96 -6.83
CA ASP B 438 -2.99 -7.39 -6.66
C ASP B 438 -2.45 -7.92 -5.30
N ALA B 439 -1.26 -7.46 -4.89
CA ALA B 439 -0.69 -7.84 -3.61
C ALA B 439 -1.62 -7.44 -2.45
N GLN B 440 -2.39 -6.37 -2.60
CA GLN B 440 -3.35 -5.94 -1.60
C GLN B 440 -4.50 -6.91 -1.35
N VAL B 441 -4.81 -7.82 -2.30
CA VAL B 441 -5.80 -8.84 -1.99
C VAL B 441 -5.32 -9.83 -0.87
N THR B 442 -4.01 -10.01 -0.82
CA THR B 442 -3.43 -11.15 -0.08
C THR B 442 -3.61 -11.07 1.47
N PRO B 443 -3.60 -9.88 2.09
CA PRO B 443 -3.95 -9.88 3.52
C PRO B 443 -5.42 -9.89 3.83
N ILE B 444 -6.29 -9.92 2.80
CA ILE B 444 -7.74 -9.77 3.00
C ILE B 444 -8.48 -11.09 2.84
N TRP B 445 -8.32 -11.71 1.70
CA TRP B 445 -9.07 -12.92 1.45
C TRP B 445 -8.42 -14.16 2.05
N GLU B 446 -9.22 -15.21 2.16
CA GLU B 446 -8.87 -16.44 2.87
C GLU B 446 -8.44 -16.11 4.32
N GLY B 447 -9.07 -15.08 4.87
CA GLY B 447 -8.89 -14.71 6.27
C GLY B 447 -8.06 -13.45 6.42
N THR B 448 -8.58 -12.44 7.10
CA THR B 448 -7.76 -11.24 7.32
C THR B 448 -6.64 -11.54 8.29
N THR B 449 -5.70 -10.61 8.39
CA THR B 449 -4.56 -10.72 9.31
C THR B 449 -4.98 -11.07 10.76
N ASN B 450 -5.98 -10.33 11.25
CA ASN B 450 -6.44 -10.56 12.59
C ASN B 450 -7.21 -11.89 12.78
N VAL B 451 -8.01 -12.21 11.80
CA VAL B 451 -8.84 -13.40 11.86
C VAL B 451 -7.93 -14.60 11.87
N LEU B 452 -6.88 -14.57 11.08
CA LEU B 452 -5.90 -15.67 11.12
C LEU B 452 -5.06 -15.66 12.39
N SER B 453 -4.80 -14.50 12.95
CA SER B 453 -4.14 -14.44 14.26
C SER B 453 -4.99 -15.12 15.34
N LEU B 454 -6.31 -15.02 15.22
CA LEU B 454 -7.21 -15.73 16.08
C LEU B 454 -7.18 -17.25 15.82
N ASP B 455 -6.92 -17.68 14.60
CA ASP B 455 -6.78 -19.09 14.26
C ASP B 455 -5.52 -19.61 14.90
N VAL B 456 -4.48 -18.79 14.91
CA VAL B 456 -3.29 -19.22 15.64
C VAL B 456 -3.65 -19.56 17.11
N LEU B 457 -4.49 -18.69 17.70
CA LEU B 457 -4.96 -18.94 19.06
C LEU B 457 -5.87 -20.19 19.14
N ARG B 458 -6.75 -20.41 18.18
CA ARG B 458 -7.49 -21.67 18.15
C ARG B 458 -6.51 -22.87 18.13
N VAL B 459 -5.40 -22.74 17.39
CA VAL B 459 -4.37 -23.80 17.37
C VAL B 459 -3.86 -24.14 18.76
N PHE B 460 -3.55 -23.12 19.54
CA PHE B 460 -3.08 -23.32 20.96
C PHE B 460 -4.13 -23.84 21.95
N SER B 461 -5.40 -23.58 21.62
CA SER B 461 -6.54 -23.91 22.46
C SER B 461 -7.03 -25.35 22.53
N GLY B 462 -6.77 -26.18 21.53
CA GLY B 462 -7.31 -27.54 21.60
C GLY B 462 -6.83 -28.09 22.93
N LYS B 463 -5.56 -28.47 22.97
CA LYS B 463 -5.00 -29.30 21.93
C LYS B 463 -4.02 -30.32 22.56
N GLU B 464 -2.86 -30.43 21.91
CA GLU B 464 -1.65 -30.89 22.51
C GLU B 464 -0.77 -29.64 22.64
N ASN B 465 0.41 -29.82 23.19
CA ASN B 465 1.27 -28.72 23.57
C ASN B 465 1.98 -28.14 22.35
N ILE B 466 1.26 -27.24 21.66
CA ILE B 466 1.78 -26.61 20.45
C ILE B 466 3.02 -25.80 20.81
N LEU B 467 3.00 -25.11 21.93
CA LEU B 467 4.18 -24.32 22.29
C LEU B 467 5.46 -25.16 22.56
N LEU B 468 5.33 -26.22 23.32
CA LEU B 468 6.46 -27.16 23.50
C LEU B 468 7.03 -27.65 22.15
N ALA B 469 6.10 -28.09 21.30
CA ALA B 469 6.43 -28.55 19.97
C ALA B 469 7.17 -27.49 19.15
N PHE B 470 6.67 -26.26 19.20
CA PHE B 470 7.35 -25.19 18.52
C PHE B 470 8.77 -25.03 19.06
N GLY B 471 8.91 -25.05 20.40
CA GLY B 471 10.23 -24.94 21.03
C GLY B 471 11.20 -26.07 20.55
N LYS B 472 10.64 -27.28 20.46
CA LYS B 472 11.40 -28.43 19.92
C LYS B 472 11.86 -28.23 18.47
N ARG B 473 10.94 -27.79 17.60
CA ARG B 473 11.32 -27.47 16.20
C ARG B 473 12.42 -26.39 16.14
N VAL B 474 12.22 -25.29 16.88
CA VAL B 474 13.23 -24.26 16.84
C VAL B 474 14.58 -24.77 17.29
N GLU B 475 14.61 -25.52 18.38
CA GLU B 475 15.90 -26.09 18.83
C GLU B 475 16.55 -27.09 17.82
N GLN B 476 15.71 -27.84 17.07
CA GLN B 476 16.32 -28.67 16.01
C GLN B 476 17.09 -27.84 15.01
N LEU B 477 16.45 -26.73 14.64
CA LEU B 477 16.99 -25.84 13.63
C LEU B 477 18.28 -25.21 14.19
N LEU B 478 18.23 -24.83 15.45
CA LEU B 478 19.34 -24.10 16.03
C LEU B 478 20.52 -25.06 16.34
N GLY B 479 20.22 -26.31 16.68
CA GLY B 479 21.29 -27.34 16.77
C GLY B 479 21.85 -27.44 15.36
N ASN B 480 23.13 -27.77 15.20
CA ASN B 480 23.80 -27.53 13.88
C ASN B 480 23.91 -26.05 13.41
N THR B 481 23.51 -25.04 14.21
CA THR B 481 24.07 -23.66 14.07
C THR B 481 25.61 -23.72 14.02
N LYS B 482 26.17 -22.91 13.14
CA LYS B 482 27.59 -22.81 13.02
C LYS B 482 28.03 -21.75 14.05
N THR B 483 28.10 -22.14 15.34
CA THR B 483 28.35 -21.15 16.41
C THR B 483 29.75 -20.54 16.24
N GLU B 484 30.55 -21.19 15.40
CA GLU B 484 31.88 -20.71 15.09
C GLU B 484 31.91 -19.45 14.22
N ASP B 485 30.85 -19.17 13.46
CA ASP B 485 30.62 -17.79 12.93
C ASP B 485 29.93 -16.97 14.01
N GLU B 486 30.60 -15.89 14.43
CA GLU B 486 30.12 -14.96 15.43
C GLU B 486 28.72 -14.37 15.18
N LYS B 487 28.42 -14.11 13.92
CA LYS B 487 27.11 -13.54 13.55
C LYS B 487 26.00 -14.55 13.71
N LEU B 488 26.30 -15.83 13.42
CA LEU B 488 25.32 -16.86 13.57
C LEU B 488 25.14 -17.22 15.05
N LYS B 489 26.21 -17.19 15.83
CA LYS B 489 26.06 -17.39 17.27
C LYS B 489 25.11 -16.34 17.84
N LYS B 490 25.35 -15.07 17.46
CA LYS B 490 24.52 -14.00 17.97
C LYS B 490 23.06 -14.22 17.53
N SER B 491 22.88 -14.62 16.29
CA SER B 491 21.57 -14.87 15.76
C SER B 491 20.83 -15.94 16.53
N LYS B 492 21.51 -17.08 16.77
CA LYS B 492 21.00 -18.12 17.64
C LYS B 492 20.60 -17.61 19.02
N GLU B 493 21.44 -16.77 19.66
CA GLU B 493 21.09 -16.33 21.01
C GLU B 493 19.89 -15.40 20.98
N ALA B 494 19.74 -14.65 19.89
CA ALA B 494 18.55 -13.78 19.70
C ALA B 494 17.22 -14.60 19.60
N VAL B 495 17.27 -15.65 18.81
CA VAL B 495 16.10 -16.51 18.64
C VAL B 495 15.75 -17.22 19.97
N GLU B 496 16.76 -17.79 20.65
CA GLU B 496 16.51 -18.45 21.97
C GLU B 496 15.88 -17.56 23.03
N SER B 497 16.37 -16.34 23.03
CA SER B 497 15.88 -15.29 23.95
C SER B 497 14.42 -14.93 23.65
N ALA B 498 14.12 -14.77 22.38
CA ALA B 498 12.77 -14.42 21.97
C ALA B 498 11.83 -15.58 22.24
N LEU B 499 12.31 -16.80 22.01
CA LEU B 499 11.47 -17.96 22.27
C LEU B 499 11.22 -18.04 23.77
N LYS B 500 12.24 -17.81 24.58
CA LYS B 500 12.09 -17.98 26.05
C LYS B 500 11.12 -16.95 26.61
N GLN B 501 11.24 -15.74 26.10
CA GLN B 501 10.33 -14.67 26.47
C GLN B 501 8.87 -14.90 26.05
N LEU B 502 8.62 -15.39 24.84
CA LEU B 502 7.27 -15.77 24.43
C LEU B 502 6.64 -16.85 25.32
N GLN B 503 7.41 -17.90 25.59
CA GLN B 503 6.93 -19.01 26.43
C GLN B 503 6.53 -18.47 27.79
N LYS B 504 7.41 -17.65 28.32
CA LYS B 504 7.20 -17.02 29.62
C LYS B 504 5.89 -16.22 29.64
N LEU B 505 5.67 -15.41 28.60
CA LEU B 505 4.46 -14.59 28.49
C LEU B 505 3.20 -15.42 28.38
N LEU B 506 3.25 -16.44 27.53
CA LEU B 506 2.09 -17.29 27.33
C LEU B 506 1.77 -18.12 28.56
N VAL B 507 2.80 -18.51 29.31
CA VAL B 507 2.59 -19.18 30.61
C VAL B 507 1.91 -18.21 31.59
N LYS B 508 2.32 -16.97 31.63
CA LYS B 508 1.66 -16.02 32.54
C LYS B 508 0.17 -15.82 32.17
N ALA B 509 -0.15 -15.89 30.87
CA ALA B 509 -1.51 -15.60 30.41
C ALA B 509 -2.50 -16.73 30.72
N SER B 510 -2.06 -17.96 30.60
CA SER B 510 -2.84 -19.10 31.06
C SER B 510 -3.05 -19.04 32.59
N ASP B 511 -2.01 -18.71 33.35
CA ASP B 511 -2.12 -18.67 34.79
C ASP B 511 -3.19 -17.68 35.25
N SER B 512 -3.23 -16.52 34.62
CA SER B 512 -4.07 -15.38 35.05
C SER B 512 -5.51 -15.42 34.53
N ALA B 513 -5.78 -16.29 33.55
CA ALA B 513 -7.10 -16.36 32.93
C ALA B 513 -8.27 -16.22 33.91
N ILE B 514 -8.35 -17.06 34.94
CA ILE B 514 -9.59 -17.13 35.72
C ILE B 514 -9.90 -15.85 36.56
N GLN B 515 -8.88 -15.08 36.93
CA GLN B 515 -9.06 -13.67 37.42
C GLN B 515 -10.00 -12.77 36.57
N GLY B 516 -10.04 -13.02 35.26
CA GLY B 516 -10.89 -12.27 34.37
C GLY B 516 -10.29 -10.95 33.86
N GLU B 517 -9.01 -10.65 34.15
CA GLU B 517 -8.36 -9.39 33.74
C GLU B 517 -7.28 -9.51 32.62
N THR B 518 -7.35 -10.56 31.82
CA THR B 518 -6.37 -10.82 30.76
C THR B 518 -7.13 -11.05 29.46
N ARG B 519 -6.65 -10.45 28.37
CA ARG B 519 -7.32 -10.55 27.05
C ARG B 519 -6.24 -10.90 26.02
N ILE B 520 -5.97 -12.20 25.89
CA ILE B 520 -4.95 -12.67 24.98
C ILE B 520 -5.35 -12.37 23.56
N ASP B 521 -6.65 -12.36 23.28
CA ASP B 521 -7.16 -12.00 21.99
C ASP B 521 -6.68 -10.61 21.50
N SER B 522 -6.53 -9.67 22.44
CA SER B 522 -6.07 -8.30 22.16
C SER B 522 -4.72 -8.28 21.48
N VAL B 523 -3.88 -9.27 21.87
CA VAL B 523 -2.50 -9.33 21.38
C VAL B 523 -2.30 -10.46 20.39
N ALA B 524 -3.38 -10.96 19.80
CA ALA B 524 -3.23 -12.16 18.95
C ALA B 524 -2.26 -11.90 17.75
N ARG B 525 -2.25 -10.68 17.16
CA ARG B 525 -1.38 -10.43 16.06
C ARG B 525 0.09 -10.38 16.47
N HIS B 526 0.37 -9.79 17.63
CA HIS B 526 1.72 -9.73 18.15
C HIS B 526 2.29 -11.14 18.43
N ILE B 527 1.46 -12.01 19.01
CA ILE B 527 1.80 -13.42 19.24
C ILE B 527 2.10 -14.09 17.89
N ALA B 528 1.19 -13.98 16.91
CA ALA B 528 1.38 -14.59 15.61
C ALA B 528 2.66 -14.10 14.91
N PHE B 529 2.92 -12.80 14.93
CA PHE B 529 4.11 -12.23 14.29
C PHE B 529 5.43 -12.73 14.98
N THR B 530 5.40 -12.85 16.31
CA THR B 530 6.58 -13.34 17.03
C THR B 530 6.91 -14.76 16.62
N ILE B 531 5.88 -15.58 16.49
CA ILE B 531 6.05 -16.94 15.99
C ILE B 531 6.70 -16.92 14.58
N ALA B 532 6.13 -16.09 13.72
CA ALA B 532 6.62 -16.02 12.36
C ALA B 532 8.08 -15.67 12.36
N ARG B 533 8.48 -14.68 13.14
CA ARG B 533 9.86 -14.20 13.09
C ARG B 533 10.85 -15.18 13.73
N ILE B 534 10.45 -15.80 14.84
CA ILE B 534 11.27 -16.82 15.49
C ILE B 534 11.52 -17.97 14.52
N TYR B 535 10.44 -18.45 13.94
CA TYR B 535 10.50 -19.62 13.06
C TYR B 535 11.35 -19.26 11.84
N SER B 536 11.12 -18.07 11.28
CA SER B 536 11.81 -17.65 10.05
C SER B 536 13.32 -17.46 10.34
N GLY B 537 13.63 -16.87 11.49
CA GLY B 537 15.01 -16.67 11.84
C GLY B 537 15.80 -17.95 11.97
N ALA B 538 15.19 -18.88 12.68
CA ALA B 538 15.84 -20.20 12.90
C ALA B 538 16.08 -20.93 11.55
N LEU B 539 15.14 -20.79 10.64
CA LEU B 539 15.25 -21.34 9.28
C LEU B 539 16.38 -20.69 8.53
N LEU B 540 16.49 -19.37 8.64
CA LEU B 540 17.58 -18.64 8.00
C LEU B 540 18.94 -19.06 8.53
N ILE B 541 18.99 -19.39 9.80
CA ILE B 541 20.23 -19.73 10.45
C ILE B 541 20.66 -21.10 9.97
N ASP B 542 19.70 -22.02 9.93
CA ASP B 542 19.92 -23.37 9.49
C ASP B 542 20.37 -23.34 8.03
N HIS B 543 19.72 -22.55 7.22
CA HIS B 543 20.13 -22.35 5.85
C HIS B 543 21.55 -21.81 5.68
N ALA B 544 21.91 -20.76 6.44
CA ALA B 544 23.24 -20.15 6.33
C ALA B 544 24.35 -21.04 6.88
N SER B 545 23.96 -21.91 7.82
CA SER B 545 24.90 -22.81 8.49
C SER B 545 25.34 -23.95 7.57
N ASP B 546 24.56 -24.24 6.55
CA ASP B 546 24.84 -25.33 5.63
C ASP B 546 25.92 -24.96 4.64
N SER B 547 27.18 -25.24 5.01
CA SER B 547 28.32 -24.75 4.24
C SER B 547 28.35 -25.39 2.87
N SER B 548 27.58 -26.44 2.66
CA SER B 548 27.54 -27.06 1.36
C SER B 548 26.86 -26.18 0.32
N VAL B 549 25.94 -25.27 0.72
CA VAL B 549 25.25 -24.44 -0.26
C VAL B 549 25.27 -22.95 0.09
N ALA B 550 25.38 -22.63 1.38
CA ALA B 550 25.26 -21.25 1.82
C ALA B 550 26.34 -20.40 1.19
N ASN B 551 26.05 -19.14 0.83
CA ASN B 551 27.12 -18.17 0.55
C ASN B 551 27.14 -17.08 1.63
N GLN B 552 28.06 -16.14 1.51
CA GLN B 552 28.24 -15.07 2.51
C GLN B 552 26.94 -14.27 2.72
N SER B 553 26.20 -14.03 1.65
CA SER B 553 24.94 -13.27 1.76
C SER B 553 23.98 -14.03 2.69
N ASP B 554 24.05 -15.37 2.70
CA ASP B 554 23.13 -16.14 3.51
C ASP B 554 23.39 -15.89 4.99
N ILE B 555 24.65 -15.79 5.37
CA ILE B 555 25.01 -15.50 6.80
C ILE B 555 24.57 -14.09 7.22
N GLU B 556 24.85 -13.13 6.35
CA GLU B 556 24.54 -11.74 6.63
C GLU B 556 23.02 -11.53 6.76
N VAL B 557 22.26 -12.23 5.93
CA VAL B 557 20.79 -12.16 5.96
C VAL B 557 20.25 -12.75 7.29
N ALA B 558 20.82 -13.89 7.74
CA ALA B 558 20.36 -14.49 8.99
C ALA B 558 20.65 -13.55 10.15
N TYR B 559 21.85 -12.96 10.14
CA TYR B 559 22.23 -12.03 11.17
C TYR B 559 21.29 -10.81 11.21
N ARG B 560 21.06 -10.19 10.07
CA ARG B 560 20.17 -9.00 10.00
C ARG B 560 18.72 -9.31 10.38
N TYR B 561 18.25 -10.46 9.95
CA TYR B 561 16.86 -10.83 10.25
C TYR B 561 16.75 -11.03 11.76
N CYS B 562 17.73 -11.69 12.36
CA CYS B 562 17.60 -12.08 13.74
C CYS B 562 18.00 -10.99 14.74
N CYS B 563 19.00 -10.20 14.40
CA CYS B 563 19.58 -9.33 15.37
C CYS B 563 19.21 -7.88 15.17
N GLU B 564 18.70 -7.54 13.99
CA GLU B 564 18.47 -6.09 13.63
C GLU B 564 17.03 -5.67 13.59
N GLN B 565 16.14 -6.58 13.92
CA GLN B 565 14.75 -6.22 14.17
C GLN B 565 14.31 -7.00 15.39
N PRO B 566 13.36 -6.49 16.11
CA PRO B 566 12.91 -7.29 17.21
C PRO B 566 12.22 -8.59 16.71
N LEU B 567 12.59 -9.70 17.28
CA LEU B 567 11.99 -10.98 16.88
C LEU B 567 10.73 -11.11 17.65
N ILE B 568 10.75 -10.58 18.86
CA ILE B 568 9.55 -10.53 19.67
C ILE B 568 9.22 -9.06 19.96
N ASP B 569 7.95 -8.69 19.82
CA ASP B 569 7.46 -7.36 20.17
C ASP B 569 6.11 -7.59 20.88
N LEU B 570 6.19 -7.77 22.19
CA LEU B 570 5.08 -8.22 22.99
C LEU B 570 5.42 -8.01 24.45
N ARG B 571 4.55 -7.31 25.17
CA ARG B 571 4.80 -7.04 26.56
C ARG B 571 3.63 -7.47 27.35
N TRP B 572 3.91 -7.79 28.60
CA TRP B 572 2.91 -8.31 29.48
C TRP B 572 1.76 -7.33 29.65
N GLU B 573 2.06 -6.04 29.84
CA GLU B 573 0.98 -5.07 29.99
C GLU B 573 0.02 -4.95 28.83
N TRP B 574 0.43 -5.38 27.64
CA TRP B 574 -0.50 -5.38 26.52
C TRP B 574 -1.65 -6.39 26.66
N PHE B 575 -1.46 -7.38 27.51
CA PHE B 575 -2.48 -8.39 27.76
C PHE B 575 -3.61 -7.87 28.68
N ALA B 576 -3.40 -6.77 29.38
CA ALA B 576 -4.28 -6.43 30.47
C ALA B 576 -5.61 -5.90 29.96
N SER B 577 -6.70 -6.25 30.63
CA SER B 577 -8.03 -5.80 30.25
C SER B 577 -8.20 -4.30 30.38
N GLU B 578 -7.46 -3.69 31.29
CA GLU B 578 -7.53 -2.22 31.44
C GLU B 578 -6.98 -1.53 30.20
N ARG B 579 -6.05 -2.15 29.51
CA ARG B 579 -5.57 -1.54 28.31
C ARG B 579 -6.69 -1.40 27.24
N VAL B 580 -7.62 -2.36 27.17
CA VAL B 580 -8.74 -2.25 26.18
C VAL B 580 -9.52 -0.94 26.38
N LYS B 581 -9.75 -0.58 27.62
CA LYS B 581 -10.49 0.64 27.90
C LYS B 581 -9.76 1.88 27.34
N ALA B 582 -8.44 1.85 27.47
CA ALA B 582 -7.57 2.90 26.95
C ALA B 582 -7.56 2.88 25.46
N ASP B 583 -7.50 1.71 24.85
CA ASP B 583 -7.58 1.58 23.38
C ASP B 583 -8.87 2.23 22.90
N ARG B 584 -10.00 1.94 23.53
CA ARG B 584 -11.29 2.50 23.04
C ARG B 584 -11.34 4.03 23.15
N GLU B 585 -10.78 4.56 24.24
CA GLU B 585 -10.77 5.94 24.44
C GLU B 585 -9.88 6.66 23.43
N ILE B 586 -8.78 6.04 23.05
CA ILE B 586 -7.94 6.58 21.96
C ILE B 586 -8.69 6.56 20.61
N VAL B 587 -9.25 5.41 20.27
CA VAL B 587 -9.87 5.22 19.00
C VAL B 587 -11.13 6.11 18.81
N PHE B 588 -11.96 6.18 19.80
CA PHE B 588 -13.30 6.84 19.71
C PHE B 588 -13.40 8.29 20.20
N ASP B 589 -12.23 8.90 20.34
CA ASP B 589 -12.11 10.29 20.81
C ASP B 589 -12.85 11.22 19.80
N ASN B 590 -13.81 12.00 20.31
CA ASN B 590 -14.71 12.87 19.50
C ASN B 590 -15.62 12.13 18.48
N PHE B 591 -15.81 10.83 18.63
CA PHE B 591 -16.62 10.09 17.68
C PHE B 591 -18.08 10.57 17.71
N THR B 592 -18.63 10.85 16.50
CA THR B 592 -19.98 11.50 16.36
C THR B 592 -21.00 10.38 16.63
N ALA B 593 -21.49 10.26 17.86
CA ALA B 593 -22.29 9.05 18.24
C ALA B 593 -23.78 9.36 18.18
PA FAD C . 13.69 8.84 -10.60
O1A FAD C . 14.62 9.93 -10.00
O2A FAD C . 14.12 8.24 -11.96
O5B FAD C . 13.60 7.49 -9.67
C5B FAD C . 13.33 7.63 -8.30
C4B FAD C . 14.12 6.54 -7.63
O4B FAD C . 15.49 6.96 -7.80
C3B FAD C . 13.76 6.51 -6.15
O3B FAD C . 14.05 5.24 -5.51
C2B FAD C . 14.69 7.61 -5.60
O2B FAD C . 15.03 7.41 -4.24
C1B FAD C . 15.92 7.27 -6.43
N9A FAD C . 16.91 8.36 -6.37
C8A FAD C . 16.89 9.50 -7.15
N7A FAD C . 18.01 10.26 -6.80
C5A FAD C . 18.73 9.56 -5.83
C6A FAD C . 19.96 9.78 -5.05
N6A FAD C . 20.63 10.91 -5.30
N1A FAD C . 20.36 8.83 -4.16
C2A FAD C . 19.69 7.70 -3.91
N3A FAD C . 18.53 7.44 -4.58
C4A FAD C . 18.01 8.32 -5.52
N1 FAD C . 6.57 16.65 -11.95
C2 FAD C . 6.44 17.93 -12.32
O2 FAD C . 7.46 18.60 -12.46
N3 FAD C . 5.25 18.52 -12.47
C4 FAD C . 4.10 17.87 -12.36
O4 FAD C . 2.99 18.38 -12.56
C4X FAD C . 4.15 16.43 -11.98
N5 FAD C . 3.03 15.64 -11.89
C5X FAD C . 3.11 14.34 -11.47
C6 FAD C . 1.99 13.52 -11.34
C7 FAD C . 2.13 12.17 -10.92
C7M FAD C . 0.93 11.33 -10.73
C8 FAD C . 3.46 11.63 -10.66
C8M FAD C . 3.65 10.18 -10.22
C9 FAD C . 4.59 12.42 -10.80
C9A FAD C . 4.47 13.75 -11.21
N10 FAD C . 5.57 14.54 -11.40
C10 FAD C . 5.48 15.87 -11.78
C1' FAD C . 6.88 13.92 -11.26
C2' FAD C . 7.49 13.68 -9.90
O2' FAD C . 7.88 14.92 -9.26
C3' FAD C . 8.61 12.67 -10.21
O3' FAD C . 8.08 11.37 -10.45
C4' FAD C . 9.44 12.57 -8.96
O4' FAD C . 10.12 13.83 -8.81
C5' FAD C . 10.37 11.35 -9.10
O5' FAD C . 11.26 11.59 -10.20
P FAD C . 11.37 10.47 -11.40
O1P FAD C . 9.97 10.07 -11.81
O2P FAD C . 12.29 11.08 -12.46
O3P FAD C . 12.09 9.27 -10.59
OA1 UCC D . 5.83 16.34 -8.56
CA1 UCC D . 5.38 17.53 -8.81
CA2 UCC D . 3.91 17.98 -8.77
CA3 UCC D . 3.08 17.35 -7.69
CA4 UCC D . 2.02 18.27 -7.07
CA5 UCC D . 2.09 18.19 -5.53
CA6 UCC D . 0.74 18.10 -4.85
CA7 UCC D . 1.02 17.82 -3.41
CA8 UCC D . -0.15 17.74 -2.47
CA9 UCC D . -1.54 17.61 -3.03
C10 UCC D . -2.08 16.26 -3.44
C11 UCC D . -1.38 15.05 -2.82
S UCC D . 6.40 18.76 -9.34
CP1 UCC D . 8.04 18.10 -9.57
CP2 UCC D . 8.88 18.32 -8.35
NP1 UCC D . 10.22 17.82 -8.51
CP3 UCC D . 10.90 17.54 -7.43
OP1 UCC D . 10.42 17.58 -6.33
CP4 UCC D . 12.34 17.18 -7.65
CP5 UCC D . 12.97 16.49 -6.45
NP2 UCC D . 14.41 16.76 -6.35
CP6 UCC D . 14.99 17.53 -5.40
OP2 UCC D . 14.40 18.04 -4.46
CP8 UCC D . 16.48 17.74 -5.54
OP3 UCC D . 17.11 17.43 -4.28
CPB UCC D . 16.81 19.15 -6.07
CP7 UCC D . 15.93 19.60 -7.23
CP9 UCC D . 16.67 20.20 -4.98
CPA UCC D . 18.24 19.10 -6.60
O7 UCC D . 18.51 20.25 -7.41
P2 UCC D . 20.05 20.60 -7.77
O21 UCC D . 20.13 21.97 -8.39
O22 UCC D . 20.58 19.44 -8.57
O6 UCC D . 20.76 20.50 -6.28
P1 UCC D . 21.37 21.69 -5.31
O11 UCC D . 22.48 22.31 -6.15
O12 UCC D . 21.61 21.13 -3.94
O5' UCC D . 20.15 22.73 -5.12
C5' UCC D . 20.24 23.98 -5.84
C4' UCC D . 19.87 25.15 -4.95
C3' UCC D . 20.73 25.25 -3.71
O3' UCC D . 20.91 26.62 -3.50
P3 UCC D . 22.35 27.33 -3.26
O33 UCC D . 21.85 28.62 -2.66
O32 UCC D . 22.91 27.48 -4.63
O31 UCC D . 23.01 26.30 -2.36
C2' UCC D . 19.88 24.69 -2.58
O2' UCC D . 20.10 25.33 -1.34
O4' UCC D . 18.52 25.01 -4.47
C1' UCC D . 18.50 25.07 -3.06
N9 UCC D . 17.52 24.12 -2.52
C4 UCC D . 16.71 24.42 -1.53
N3 UCC D . 16.49 25.51 -0.78
C8 UCC D . 17.31 22.85 -2.96
N7 UCC D . 16.33 22.28 -2.23
C5 UCC D . 15.92 23.21 -1.34
C6 UCC D . 14.90 23.31 -0.28
N6 UCC D . 14.12 22.23 -0.02
N1 UCC D . 14.76 24.47 0.42
C2 UCC D . 15.55 25.54 0.18
PA FAD E . -15.52 -8.77 7.80
O1A FAD E . -15.34 -10.02 8.66
O2A FAD E . -16.89 -8.08 7.81
O5B FAD E . -14.54 -7.60 8.33
C5B FAD E . -13.14 -7.85 8.41
C4B FAD E . -12.60 -7.02 9.54
O4B FAD E . -13.31 -7.49 10.72
C3B FAD E . -11.13 -7.17 9.76
O3B FAD E . -10.57 -6.07 10.56
C2B FAD E . -11.15 -8.36 10.72
O2B FAD E . -9.92 -8.47 11.46
C1B FAD E . -12.34 -7.98 11.63
N9A FAD E . -12.83 -9.14 12.41
C8A FAD E . -13.63 -10.16 11.96
N7A FAD E . -13.80 -11.08 12.95
C5A FAD E . -13.15 -10.62 14.06
C6A FAD E . -12.95 -11.09 15.43
N6A FAD E . -13.53 -12.25 15.85
N1A FAD E . -12.19 -10.31 16.25
C2A FAD E . -11.61 -9.18 15.83
N3A FAD E . -11.76 -8.68 14.60
C4A FAD E . -12.51 -9.35 13.70
N1 FAD E . -15.04 -15.40 -0.45
C2 FAD E . -15.51 -16.60 -0.95
O2 FAD E . -16.09 -17.36 -0.14
N3 FAD E . -15.29 -17.02 -2.15
C4 FAD E . -14.65 -16.35 -3.09
O4 FAD E . -14.51 -16.81 -4.20
C4X FAD E . -14.13 -15.01 -2.64
N5 FAD E . -13.57 -14.18 -3.63
C5X FAD E . -13.13 -12.94 -3.10
C6 FAD E . -12.50 -12.10 -4.06
C7 FAD E . -11.99 -10.83 -3.61
C7M FAD E . -11.30 -10.02 -4.65
C8 FAD E . -12.24 -10.43 -2.24
C8M FAD E . -11.73 -9.06 -1.76
C9 FAD E . -12.86 -11.25 -1.30
C9A FAD E . -13.36 -12.53 -1.72
N10 FAD E . -14.01 -13.32 -0.83
C10 FAD E . -14.44 -14.59 -1.30
C1' FAD E . -14.32 -12.89 0.49
C2' FAD E . -13.24 -12.89 1.58
O2' FAD E . -12.99 -14.19 2.08
C3' FAD E . -13.72 -11.99 2.72
O3' FAD E . -13.73 -10.70 2.17
C4' FAD E . -12.80 -12.09 3.92
O4' FAD E . -12.81 -13.40 4.48
C5' FAD E . -13.17 -11.05 4.98
O5' FAD E . -14.58 -11.25 5.42
P FAD E . -15.63 -9.98 5.21
O1P FAD E . -15.43 -9.45 3.84
O2P FAD E . -16.98 -10.43 5.69
O3P FAD E . -15.04 -8.90 6.28
OA1 UCC F . -11.62 -15.69 0.27
CA1 UCC F . -11.92 -16.75 -0.41
CA2 UCC F . -11.49 -17.13 -1.84
CA3 UCC F . -10.35 -16.42 -2.48
CA4 UCC F . -9.43 -17.41 -3.29
CA5 UCC F . -8.08 -17.53 -2.59
CA6 UCC F . -6.96 -17.51 -3.57
CA7 UCC F . -5.61 -17.63 -2.88
CA8 UCC F . -4.79 -17.77 -4.09
CA9 UCC F . -3.59 -17.01 -4.27
C10 UCC F . -3.64 -16.04 -5.36
C11 UCC F . -3.46 -14.73 -4.61
S UCC F . -12.92 -17.98 0.10
CP1 UCC F . -13.53 -17.57 1.79
CP2 UCC F . -12.48 -17.45 2.84
NP1 UCC F . -13.04 -17.40 4.20
CP3 UCC F . -12.20 -17.59 5.23
OP1 UCC F . -10.98 -17.68 5.10
CP4 UCC F . -12.83 -17.78 6.59
CP5 UCC F . -12.16 -16.81 7.58
NP2 UCC F . -12.70 -17.23 8.88
CP6 UCC F . -12.22 -18.22 9.61
OP2 UCC F . -11.20 -18.84 9.33
CP8 UCC F . -12.96 -18.48 10.90
OP3 UCC F . -12.00 -18.66 11.98
CPB UCC F . -13.78 -19.76 10.98
CP7 UCC F . -13.15 -21.06 10.44
CP9 UCC F . -14.70 -19.59 9.70
CPA UCC F . -14.95 -19.72 11.98
O7 UCC F . -15.68 -20.97 11.91
P2 UCC F . -16.60 -21.42 13.17
O21 UCC F . -17.31 -22.73 12.84
O22 UCC F . -17.31 -20.15 13.66
O6 UCC F . -15.43 -21.67 14.28
P1 UCC F . -15.03 -23.01 15.03
O11 UCC F . -16.17 -23.59 15.84
O12 UCC F . -13.76 -22.63 15.71
O5' UCC F . -14.69 -23.98 13.71
C5' UCC F . -15.46 -25.18 13.48
C4' UCC F . -14.54 -26.41 13.32
C3' UCC F . -13.70 -26.65 14.57
O3' UCC F . -13.51 -28.04 14.61
P3 UCC F . -14.09 -28.93 15.78
O33 UCC F . -13.73 -30.33 15.31
O32 UCC F . -15.59 -28.78 15.67
O31 UCC F . -13.39 -28.39 17.05
C2' UCC F . -12.36 -25.98 14.30
O2' UCC F . -11.22 -26.62 14.88
O4' UCC F . -13.61 -26.19 12.24
C1' UCC F . -12.30 -26.20 12.78
N9 UCC F . -11.42 -25.29 12.04
C4 UCC F . -10.27 -25.71 11.52
N3 UCC F . -9.62 -26.88 11.40
C8 UCC F . -11.60 -23.97 11.85
N7 UCC F . -10.57 -23.49 11.13
C5 UCC F . -9.72 -24.50 10.88
C6 UCC F . -8.44 -24.69 10.13
N6 UCC F . -7.88 -23.61 9.52
N1 UCC F . -7.86 -25.93 10.15
C2 UCC F . -8.44 -26.98 10.76
#